data_5TVU
#
_entry.id   5TVU
#
_cell.length_a   175.881
_cell.length_b   96.990
_cell.length_c   124.961
_cell.angle_alpha   90.00
_cell.angle_beta   134.57
_cell.angle_gamma   90.00
#
_symmetry.space_group_name_H-M   'C 1 2 1'
#
loop_
_entity.id
_entity.type
_entity.pdbx_description
1 polymer 'TNF receptor-associated protein 1'
2 non-polymer "ADENOSINE-5'-TRIPHOSPHATE"
#
_entity_poly.entity_id   1
_entity_poly.type   'polypeptide(L)'
_entity_poly.pdbx_seq_one_letter_code
;GIDPFTSTQQHTEPAEEETLHNIITDTENVQGSFSKHEFQAETKKLLDIVARSLYSEKEVFIRELISNGSDALEKLRHRM
ITAGGDTAPMEIHLQTDSVKGTFTIQDTGVGMNKEDLVSNLGTIARSGSKAFLDALQNQAEASSSIIGQFGVGFYSAFMV
ADKVEVYSQSAEADAPGYKWSSDGSGVFEVAEASGVRQGTKIVLHLKDDCKEFSSEDRVKEVVTKYSNFVSFPIFLNGRR
LNTLQALWMMEPKDISEWQHEEFYRYVAQAYDKPRYTLHYRADAPLNIRSIFYVPEMKPSMFDVSREMGSSVALYSRKIL
IQTKATDILPKWLRFLRGVVDSEDIPLNLSRELLQESALIRKLRDVLQQRVIRFLLDQSKKDPEKYARFFEDYGLFMREG
IVTTGEQSVKEDIAKLLRFESSALPAGQQTSLMEYSSRMKAGTRNIYYLCAPNRHLAEHSPYFEAMKQKDMEVLFCFEQF
DELTLLHLREFDRKKLISAETDIVVDHYKEEKFQDSKPASERLSSEQAEDLLAWMRNALVQRVTNIKVTPRLDTHPAMIT
VLEMGAARHFLRTQQLARSSEERAQILQPTLEINTGHDLIKKLHALKDSNPELAQLLLEQIYDNAMIAAGLNEDPRPMIS
RLNQLLTRALEKH
;
_entity_poly.pdbx_strand_id   A,B
#
loop_
_chem_comp.id
_chem_comp.type
_chem_comp.name
_chem_comp.formula
ATP non-polymer ADENOSINE-5'-TRIPHOSPHATE 'C10 H16 N5 O13 P3'
#
# COMPACT_ATOMS: atom_id res chain seq x y z
N THR A 19 46.27 11.25 -2.33
CA THR A 19 45.29 11.34 -1.25
C THR A 19 44.51 10.04 -1.11
N LEU A 20 44.99 8.99 -1.76
CA LEU A 20 44.36 7.68 -1.70
C LEU A 20 45.05 6.80 -0.67
N HIS A 21 44.40 5.68 -0.35
CA HIS A 21 44.94 4.74 0.64
C HIS A 21 44.36 3.36 0.35
N ASN A 22 45.20 2.46 -0.18
CA ASN A 22 44.79 1.10 -0.48
C ASN A 22 45.88 0.14 -0.04
N ILE A 23 45.49 -1.00 0.51
CA ILE A 23 46.43 -2.00 0.98
C ILE A 23 46.37 -3.29 0.18
N ILE A 24 45.43 -3.41 -0.76
CA ILE A 24 45.31 -4.63 -1.57
C ILE A 24 46.43 -4.60 -2.61
N THR A 25 47.42 -5.46 -2.45
CA THR A 25 48.55 -5.56 -3.36
C THR A 25 48.84 -7.02 -3.67
N ASP A 26 49.38 -7.26 -4.86
CA ASP A 26 49.73 -8.61 -5.30
C ASP A 26 51.10 -8.95 -4.73
N THR A 27 51.09 -9.38 -3.46
CA THR A 27 52.32 -9.75 -2.77
C THR A 27 52.37 -11.22 -2.35
N GLU A 28 51.29 -11.97 -2.53
CA GLU A 28 51.26 -13.36 -2.13
C GLU A 28 51.72 -14.27 -3.26
N ASN A 29 52.40 -15.35 -2.89
CA ASN A 29 52.85 -16.38 -3.82
C ASN A 29 52.71 -17.74 -3.17
N VAL A 30 52.30 -18.73 -3.96
CA VAL A 30 52.11 -20.08 -3.45
C VAL A 30 53.46 -20.67 -3.06
N GLN A 31 53.62 -21.02 -1.79
CA GLN A 31 54.87 -21.54 -1.25
C GLN A 31 54.67 -23.01 -0.87
N GLY A 32 55.35 -23.90 -1.58
CA GLY A 32 55.27 -25.31 -1.29
C GLY A 32 54.14 -26.01 -2.00
N SER A 33 53.74 -27.15 -1.43
CA SER A 33 52.68 -27.97 -1.99
C SER A 33 51.34 -27.60 -1.38
N PHE A 34 50.29 -28.28 -1.83
CA PHE A 34 48.93 -28.05 -1.36
C PHE A 34 48.25 -29.38 -1.07
N SER A 35 47.24 -29.33 -0.20
CA SER A 35 46.44 -30.48 0.14
C SER A 35 45.10 -30.43 -0.60
N LYS A 36 44.30 -31.48 -0.44
CA LYS A 36 43.00 -31.57 -1.08
C LYS A 36 41.97 -32.03 -0.07
N HIS A 37 40.88 -31.30 0.04
CA HIS A 37 39.81 -31.61 0.98
C HIS A 37 38.46 -31.42 0.30
N GLU A 38 37.47 -32.17 0.76
CA GLU A 38 36.09 -31.99 0.32
C GLU A 38 35.32 -31.15 1.33
N PHE A 39 34.31 -30.45 0.84
CA PHE A 39 33.47 -29.65 1.72
C PHE A 39 32.69 -30.55 2.67
N GLN A 40 32.55 -30.11 3.91
CA GLN A 40 31.83 -30.83 4.95
C GLN A 40 30.55 -30.08 5.29
N ALA A 41 29.85 -30.57 6.31
CA ALA A 41 28.60 -29.95 6.75
C ALA A 41 28.27 -30.42 8.16
N GLU A 42 28.22 -29.49 9.10
CA GLU A 42 27.81 -29.81 10.46
C GLU A 42 26.34 -30.17 10.46
N THR A 43 26.02 -31.46 10.62
CA THR A 43 24.65 -31.93 10.45
C THR A 43 23.75 -31.43 11.58
N LYS A 44 24.25 -31.44 12.82
CA LYS A 44 23.42 -31.04 13.94
C LYS A 44 23.02 -29.56 13.83
N LYS A 45 23.94 -28.73 13.36
CA LYS A 45 23.61 -27.32 13.14
C LYS A 45 22.68 -27.14 11.95
N LEU A 46 22.79 -28.01 10.94
CA LEU A 46 22.00 -27.84 9.72
C LEU A 46 20.53 -28.16 9.97
N LEU A 47 20.25 -29.15 10.80
CA LEU A 47 18.86 -29.47 11.14
C LEU A 47 18.19 -28.28 11.83
N ASP A 48 18.92 -27.59 12.71
CA ASP A 48 18.37 -26.43 13.39
C ASP A 48 18.11 -25.28 12.42
N ILE A 49 18.92 -25.17 11.37
CA ILE A 49 18.73 -24.11 10.38
C ILE A 49 17.41 -24.31 9.64
N VAL A 50 17.14 -25.54 9.21
CA VAL A 50 15.90 -25.82 8.48
C VAL A 50 14.70 -25.73 9.42
N ALA A 51 14.85 -26.18 10.65
CA ALA A 51 13.74 -26.21 11.60
C ALA A 51 13.58 -24.92 12.38
N ARG A 52 14.28 -23.84 11.98
CA ARG A 52 14.10 -22.55 12.62
C ARG A 52 14.25 -21.41 11.63
N SER A 53 15.48 -21.17 11.17
CA SER A 53 15.79 -19.99 10.36
C SER A 53 15.71 -20.35 8.88
N LEU A 54 14.48 -20.46 8.39
CA LEU A 54 14.25 -20.77 6.98
C LEU A 54 12.94 -20.18 6.49
N TYR A 55 11.89 -20.27 7.30
CA TYR A 55 10.56 -19.80 6.93
C TYR A 55 10.12 -18.69 7.88
N SER A 56 9.47 -17.67 7.34
CA SER A 56 9.00 -16.55 8.14
C SER A 56 7.82 -16.91 9.04
N GLU A 57 7.20 -18.08 8.84
CA GLU A 57 6.06 -18.49 9.63
C GLU A 57 6.26 -19.93 10.11
N LYS A 58 5.72 -20.23 11.28
CA LYS A 58 5.74 -21.61 11.76
C LYS A 58 4.72 -22.46 11.02
N GLU A 59 3.68 -21.83 10.49
CA GLU A 59 2.56 -22.54 9.86
C GLU A 59 2.98 -23.17 8.54
N VAL A 60 4.23 -22.94 8.14
CA VAL A 60 4.70 -23.45 6.86
C VAL A 60 4.77 -24.97 6.86
N PHE A 61 4.94 -25.59 8.02
CA PHE A 61 5.11 -27.04 8.07
C PHE A 61 3.88 -27.77 7.52
N ILE A 62 2.70 -27.17 7.64
CA ILE A 62 1.51 -27.78 7.04
C ILE A 62 1.59 -27.74 5.53
N ARG A 63 2.13 -26.66 4.97
CA ARG A 63 2.26 -26.55 3.52
C ARG A 63 3.21 -27.60 2.98
N GLU A 64 4.32 -27.85 3.66
CA GLU A 64 5.34 -28.76 3.13
C GLU A 64 4.89 -30.21 3.25
N LEU A 65 4.31 -30.59 4.39
CA LEU A 65 3.90 -31.98 4.59
C LEU A 65 2.78 -32.36 3.62
N ILE A 66 1.88 -31.42 3.32
CA ILE A 66 0.86 -31.67 2.30
C ILE A 66 1.50 -31.71 0.92
N SER A 67 2.50 -30.84 0.68
CA SER A 67 3.20 -30.87 -0.59
C SER A 67 3.97 -32.16 -0.78
N ASN A 68 4.62 -32.65 0.27
CA ASN A 68 5.31 -33.94 0.19
C ASN A 68 4.33 -35.09 -0.01
N GLY A 69 3.12 -34.96 0.55
CA GLY A 69 2.12 -35.99 0.32
C GLY A 69 1.59 -35.99 -1.11
N SER A 70 1.33 -34.79 -1.66
CA SER A 70 0.91 -34.69 -3.05
C SER A 70 1.94 -35.26 -4.00
N ASP A 71 3.23 -35.12 -3.68
CA ASP A 71 4.27 -35.74 -4.49
C ASP A 71 4.17 -37.26 -4.42
N ALA A 72 3.86 -37.80 -3.24
CA ALA A 72 3.66 -39.24 -3.12
C ALA A 72 2.43 -39.70 -3.88
N LEU A 73 1.38 -38.88 -3.92
CA LEU A 73 0.19 -39.23 -4.68
C LEU A 73 0.46 -39.16 -6.17
N GLU A 74 1.26 -38.19 -6.62
CA GLU A 74 1.53 -38.04 -8.04
C GLU A 74 2.44 -39.15 -8.56
N LYS A 75 3.37 -39.64 -7.72
CA LYS A 75 4.23 -40.73 -8.14
C LYS A 75 3.45 -42.03 -8.33
N LEU A 76 2.51 -42.32 -7.42
CA LEU A 76 1.71 -43.53 -7.55
C LEU A 76 0.82 -43.47 -8.79
N ARG A 77 0.25 -42.30 -9.09
CA ARG A 77 -0.54 -42.15 -10.29
C ARG A 77 0.30 -42.40 -11.54
N HIS A 78 1.56 -41.96 -11.52
CA HIS A 78 2.43 -42.17 -12.67
C HIS A 78 2.84 -43.63 -12.80
N ARG A 79 2.99 -44.33 -11.68
CA ARG A 79 3.35 -45.75 -11.74
C ARG A 79 2.18 -46.58 -12.28
N MET A 80 0.95 -46.20 -11.95
CA MET A 80 -0.23 -46.91 -12.41
C MET A 80 -0.56 -46.64 -13.88
N ILE A 81 0.22 -45.81 -14.57
CA ILE A 81 0.03 -45.63 -16.00
C ILE A 81 0.61 -46.81 -16.77
N THR A 82 1.83 -47.21 -16.45
CA THR A 82 2.46 -48.34 -17.11
C THR A 82 2.30 -49.64 -16.33
N ALA A 83 2.48 -49.58 -15.02
CA ALA A 83 2.26 -50.75 -14.18
C ALA A 83 0.96 -50.61 -13.39
N GLY A 84 -0.17 -50.56 -14.08
CA GLY A 84 -1.43 -50.30 -13.41
C GLY A 84 -1.85 -51.48 -12.55
N GLY A 85 -2.38 -51.17 -11.37
CA GLY A 85 -2.87 -52.19 -10.46
C GLY A 85 -4.30 -51.95 -10.03
N ALA A 88 -7.07 -48.75 -4.14
CA ALA A 88 -7.41 -47.65 -3.23
C ALA A 88 -7.28 -46.31 -3.95
N PRO A 89 -8.01 -45.29 -3.47
CA PRO A 89 -7.85 -43.95 -4.04
C PRO A 89 -6.52 -43.32 -3.66
N MET A 90 -6.42 -42.00 -3.80
CA MET A 90 -5.19 -41.29 -3.47
C MET A 90 -5.52 -40.36 -2.31
N GLU A 91 -5.34 -39.05 -2.46
CA GLU A 91 -5.71 -38.02 -1.48
C GLU A 91 -4.96 -38.18 -0.15
N ILE A 92 -5.00 -37.14 0.67
CA ILE A 92 -4.26 -37.11 1.93
C ILE A 92 -5.25 -36.90 3.08
N HIS A 93 -4.86 -37.38 4.26
CA HIS A 93 -5.72 -37.33 5.44
C HIS A 93 -4.97 -36.69 6.59
N LEU A 94 -5.65 -35.78 7.30
CA LEU A 94 -5.13 -35.11 8.47
C LEU A 94 -5.97 -35.48 9.69
N GLN A 95 -5.48 -35.10 10.87
CA GLN A 95 -6.21 -35.30 12.11
C GLN A 95 -5.53 -34.52 13.22
N THR A 96 -6.33 -33.85 14.03
CA THR A 96 -5.83 -33.04 15.15
C THR A 96 -6.38 -33.61 16.45
N ASP A 97 -5.51 -33.74 17.45
CA ASP A 97 -5.87 -34.20 18.78
C ASP A 97 -5.63 -33.04 19.74
N SER A 98 -6.69 -32.32 20.10
CA SER A 98 -6.56 -31.13 20.93
C SER A 98 -6.19 -31.43 22.38
N VAL A 99 -6.20 -32.70 22.77
CA VAL A 99 -5.83 -33.07 24.14
C VAL A 99 -4.36 -33.46 24.18
N LYS A 100 -3.97 -34.45 23.38
CA LYS A 100 -2.58 -34.86 23.33
C LYS A 100 -1.71 -33.84 22.59
N GLY A 101 -2.31 -32.96 21.79
CA GLY A 101 -1.55 -31.96 21.07
C GLY A 101 -0.72 -32.54 19.94
N THR A 102 -1.34 -33.35 19.08
CA THR A 102 -0.65 -34.01 18.00
C THR A 102 -1.27 -33.63 16.66
N PHE A 103 -0.42 -33.32 15.68
CA PHE A 103 -0.83 -33.08 14.31
C PHE A 103 -0.41 -34.29 13.48
N THR A 104 -1.39 -35.00 12.93
CA THR A 104 -1.16 -36.20 12.16
C THR A 104 -1.57 -35.96 10.71
N ILE A 105 -0.74 -36.44 9.77
CA ILE A 105 -1.02 -36.34 8.35
C ILE A 105 -0.65 -37.66 7.69
N GLN A 106 -1.53 -38.16 6.82
CA GLN A 106 -1.33 -39.46 6.18
C GLN A 106 -1.84 -39.40 4.75
N ASP A 107 -0.98 -39.78 3.81
CA ASP A 107 -1.35 -39.97 2.41
C ASP A 107 -1.41 -41.46 2.10
N THR A 108 -2.09 -41.77 0.99
CA THR A 108 -2.13 -43.14 0.51
C THR A 108 -1.43 -43.24 -0.84
N GLY A 109 -0.25 -42.62 -0.94
CA GLY A 109 0.49 -42.60 -2.18
C GLY A 109 1.42 -43.78 -2.36
N VAL A 110 2.64 -43.52 -2.83
CA VAL A 110 3.57 -44.61 -3.14
C VAL A 110 4.23 -45.16 -1.88
N GLY A 111 4.37 -44.33 -0.84
CA GLY A 111 5.03 -44.78 0.37
C GLY A 111 6.54 -44.94 0.18
N MET A 112 7.17 -45.47 1.21
CA MET A 112 8.61 -45.66 1.24
C MET A 112 8.96 -46.96 1.94
N ASN A 113 9.90 -47.71 1.37
CA ASN A 113 10.44 -48.89 2.02
C ASN A 113 11.47 -48.46 3.07
N LYS A 114 12.28 -49.40 3.55
CA LYS A 114 13.28 -49.03 4.54
C LYS A 114 14.46 -48.30 3.92
N GLU A 115 14.83 -48.66 2.68
CA GLU A 115 15.94 -47.98 2.03
C GLU A 115 15.62 -46.52 1.76
N ASP A 116 14.41 -46.24 1.26
CA ASP A 116 14.00 -44.88 0.97
C ASP A 116 13.67 -44.07 2.23
N LEU A 117 13.50 -44.73 3.37
CA LEU A 117 13.29 -43.99 4.61
C LEU A 117 14.61 -43.43 5.15
N VAL A 118 15.67 -44.23 5.11
CA VAL A 118 16.97 -43.77 5.59
C VAL A 118 17.62 -42.84 4.57
N SER A 119 17.45 -43.13 3.28
CA SER A 119 18.09 -42.32 2.25
C SER A 119 17.44 -40.93 2.16
N ASN A 120 16.12 -40.88 2.10
CA ASN A 120 15.43 -39.61 1.88
C ASN A 120 15.35 -38.78 3.16
N LEU A 121 14.65 -39.29 4.18
CA LEU A 121 14.47 -38.53 5.40
C LEU A 121 15.75 -38.40 6.22
N GLY A 122 16.70 -39.32 6.05
CA GLY A 122 17.92 -39.28 6.84
C GLY A 122 19.00 -38.38 6.28
N THR A 123 18.91 -38.01 5.00
CA THR A 123 19.92 -37.19 4.34
C THR A 123 19.31 -35.84 3.97
N ILE A 124 19.89 -34.77 4.51
CA ILE A 124 19.45 -33.42 4.16
C ILE A 124 19.90 -33.09 2.75
N ALA A 125 19.14 -32.21 2.09
CA ALA A 125 19.36 -31.76 0.72
C ALA A 125 19.20 -32.88 -0.31
N ARG A 126 18.76 -34.05 0.10
CA ARG A 126 18.46 -35.15 -0.81
C ARG A 126 16.95 -35.19 -1.04
N SER A 127 16.55 -35.23 -2.31
CA SER A 127 15.14 -35.19 -2.70
C SER A 127 14.89 -36.28 -3.74
N GLY A 128 14.27 -37.38 -3.30
CA GLY A 128 13.87 -38.41 -4.24
C GLY A 128 12.82 -37.95 -5.22
N SER A 129 12.06 -36.90 -4.88
CA SER A 129 11.11 -36.33 -5.83
C SER A 129 11.82 -35.58 -6.95
N LYS A 130 13.01 -35.03 -6.67
CA LYS A 130 13.77 -34.35 -7.70
C LYS A 130 14.36 -35.35 -8.69
N ALA A 131 14.94 -36.45 -8.19
CA ALA A 131 15.46 -37.48 -9.07
C ALA A 131 14.33 -38.15 -9.86
N PHE A 132 13.11 -38.13 -9.32
CA PHE A 132 11.97 -38.66 -10.05
C PHE A 132 11.61 -37.76 -11.23
N LEU A 133 11.71 -36.44 -11.04
CA LEU A 133 11.42 -35.52 -12.13
C LEU A 133 12.43 -35.64 -13.25
N ASP A 134 13.72 -35.82 -12.91
CA ASP A 134 14.76 -35.87 -13.92
C ASP A 134 14.69 -37.13 -14.77
N ALA A 135 13.93 -38.14 -14.33
CA ALA A 135 13.83 -39.40 -15.06
C ALA A 135 12.59 -39.49 -15.94
N LEU A 136 11.63 -38.58 -15.78
CA LEU A 136 10.41 -38.61 -16.56
C LEU A 136 10.59 -37.88 -17.89
N GLN A 137 9.71 -38.21 -18.84
CA GLN A 137 9.61 -37.41 -20.05
C GLN A 137 9.15 -35.99 -19.70
N ASN A 138 9.65 -35.03 -20.47
CA ASN A 138 9.25 -33.64 -20.24
C ASN A 138 7.80 -33.38 -20.64
N GLN A 139 7.17 -34.30 -21.37
CA GLN A 139 5.75 -34.21 -21.69
C GLN A 139 4.86 -34.90 -20.68
N ALA A 140 5.43 -35.64 -19.73
CA ALA A 140 4.64 -36.35 -18.75
C ALA A 140 3.89 -35.38 -17.85
N GLU A 141 2.69 -35.78 -17.43
CA GLU A 141 1.87 -34.91 -16.59
C GLU A 141 2.44 -34.77 -15.19
N ALA A 142 3.10 -35.81 -14.68
CA ALA A 142 3.73 -35.72 -13.36
C ALA A 142 4.97 -34.84 -13.37
N SER A 143 5.51 -34.55 -14.56
CA SER A 143 6.71 -33.71 -14.66
C SER A 143 6.42 -32.25 -14.38
N SER A 144 5.15 -31.83 -14.34
CA SER A 144 4.79 -30.45 -14.09
C SER A 144 3.92 -30.30 -12.85
N SER A 145 3.88 -31.31 -11.99
CA SER A 145 3.07 -31.27 -10.77
C SER A 145 3.82 -31.72 -9.52
N ILE A 146 5.03 -32.25 -9.63
CA ILE A 146 5.82 -32.59 -8.46
C ILE A 146 6.35 -31.31 -7.83
N ILE A 147 6.21 -31.20 -6.51
CA ILE A 147 6.58 -29.98 -5.80
C ILE A 147 8.00 -30.01 -5.28
N GLY A 148 8.51 -31.18 -4.91
CA GLY A 148 9.81 -31.26 -4.29
C GLY A 148 10.95 -30.86 -5.21
N GLN A 149 11.99 -30.29 -4.60
CA GLN A 149 13.18 -29.86 -5.34
C GLN A 149 14.43 -29.98 -4.48
N PHE A 150 14.43 -29.29 -3.34
CA PHE A 150 15.65 -29.09 -2.56
C PHE A 150 15.99 -30.33 -1.73
N GLY A 151 15.14 -30.69 -0.78
CA GLY A 151 15.38 -31.86 0.04
C GLY A 151 15.38 -31.57 1.53
N VAL A 152 14.91 -30.37 1.90
CA VAL A 152 14.86 -29.97 3.31
C VAL A 152 13.45 -29.68 3.79
N GLY A 153 12.46 -29.71 2.92
CA GLY A 153 11.12 -29.30 3.31
C GLY A 153 10.51 -30.15 4.40
N PHE A 154 10.86 -31.43 4.46
CA PHE A 154 10.29 -32.31 5.48
C PHE A 154 10.72 -31.90 6.88
N TYR A 155 11.94 -31.40 7.04
CA TYR A 155 12.45 -31.05 8.36
C TYR A 155 11.76 -29.85 8.98
N SER A 156 10.78 -29.25 8.31
CA SER A 156 10.00 -28.18 8.92
C SER A 156 9.07 -28.70 10.00
N ALA A 157 8.97 -30.01 10.19
CA ALA A 157 8.15 -30.55 11.26
C ALA A 157 8.80 -30.36 12.63
N PHE A 158 10.13 -30.42 12.69
CA PHE A 158 10.84 -30.19 13.94
C PHE A 158 10.74 -28.73 14.41
N MET A 159 10.25 -27.84 13.56
CA MET A 159 10.05 -26.46 13.98
C MET A 159 8.88 -26.33 14.96
N VAL A 160 7.92 -27.25 14.89
CA VAL A 160 6.71 -27.19 15.71
C VAL A 160 6.49 -28.45 16.52
N ALA A 161 7.40 -29.42 16.47
CA ALA A 161 7.19 -30.69 17.14
C ALA A 161 8.46 -31.12 17.87
N ASP A 162 8.28 -31.72 19.05
CA ASP A 162 9.38 -32.30 19.80
C ASP A 162 9.65 -33.74 19.41
N LYS A 163 8.71 -34.41 18.75
CA LYS A 163 8.86 -35.80 18.35
C LYS A 163 8.09 -36.02 17.06
N VAL A 164 8.74 -36.62 16.07
CA VAL A 164 8.15 -36.90 14.78
C VAL A 164 8.18 -38.39 14.55
N GLU A 165 7.02 -38.97 14.21
CA GLU A 165 6.89 -40.40 13.94
C GLU A 165 6.29 -40.60 12.56
N VAL A 166 6.95 -41.40 11.73
CA VAL A 166 6.53 -41.62 10.35
C VAL A 166 6.27 -43.12 10.16
N TYR A 167 5.07 -43.45 9.70
CA TYR A 167 4.71 -44.81 9.33
C TYR A 167 4.48 -44.86 7.83
N SER A 168 5.16 -45.77 7.14
CA SER A 168 5.08 -45.87 5.69
C SER A 168 5.03 -47.32 5.26
N GLN A 169 4.35 -47.56 4.12
CA GLN A 169 4.24 -48.88 3.53
C GLN A 169 4.42 -48.75 2.03
N SER A 170 5.44 -49.41 1.49
CA SER A 170 5.74 -49.30 0.06
C SER A 170 4.71 -50.06 -0.77
N ALA A 171 4.69 -49.75 -2.07
CA ALA A 171 3.77 -50.39 -3.00
C ALA A 171 4.31 -51.69 -3.57
N GLU A 172 5.55 -52.06 -3.26
CA GLU A 172 6.13 -53.29 -3.78
C GLU A 172 5.72 -54.49 -2.92
N ALA A 173 6.56 -55.53 -2.89
CA ALA A 173 6.26 -56.73 -2.12
C ALA A 173 6.23 -56.43 -0.62
N PRO A 176 6.40 -54.77 3.70
CA PRO A 176 6.55 -54.56 5.15
C PRO A 176 6.61 -53.08 5.52
N GLY A 177 5.85 -52.71 6.55
CA GLY A 177 5.83 -51.34 7.03
C GLY A 177 6.93 -51.07 8.03
N TYR A 178 7.39 -49.81 8.06
CA TYR A 178 8.46 -49.39 8.94
C TYR A 178 8.05 -48.13 9.68
N LYS A 179 8.77 -47.85 10.77
CA LYS A 179 8.51 -46.69 11.61
C LYS A 179 9.75 -45.81 11.66
N TRP A 180 9.58 -44.52 11.35
CA TRP A 180 10.66 -43.55 11.36
C TRP A 180 10.37 -42.55 12.47
N SER A 181 11.18 -42.59 13.53
CA SER A 181 10.97 -41.74 14.69
C SER A 181 12.23 -40.95 14.99
N SER A 182 12.04 -39.66 15.35
CA SER A 182 13.15 -38.80 15.70
C SER A 182 12.61 -37.62 16.49
N ASP A 183 13.52 -36.93 17.18
CA ASP A 183 13.19 -35.73 17.95
C ASP A 183 13.84 -34.48 17.38
N GLY A 184 14.64 -34.60 16.33
CA GLY A 184 15.30 -33.45 15.75
C GLY A 184 16.61 -33.08 16.42
N SER A 185 17.32 -34.05 17.00
CA SER A 185 18.58 -33.79 17.69
C SER A 185 19.75 -34.49 17.03
N GLY A 186 19.60 -34.91 15.77
CA GLY A 186 20.70 -35.50 15.02
C GLY A 186 20.65 -37.00 14.87
N VAL A 187 19.63 -37.67 15.41
CA VAL A 187 19.51 -39.13 15.33
C VAL A 187 18.06 -39.50 15.07
N PHE A 188 17.87 -40.68 14.50
CA PHE A 188 16.54 -41.25 14.31
C PHE A 188 16.63 -42.76 14.38
N GLU A 189 15.48 -43.39 14.60
CA GLU A 189 15.37 -44.84 14.73
C GLU A 189 14.42 -45.40 13.67
N VAL A 190 14.73 -46.59 13.19
CA VAL A 190 13.93 -47.27 12.19
C VAL A 190 13.65 -48.68 12.68
N ALA A 191 12.39 -49.10 12.62
CA ALA A 191 12.00 -50.44 13.04
C ALA A 191 10.75 -50.85 12.27
N GLU A 192 10.52 -52.16 12.21
CA GLU A 192 9.34 -52.69 11.54
C GLU A 192 8.08 -52.29 12.29
N ALA A 193 6.96 -52.27 11.55
CA ALA A 193 5.68 -51.88 12.12
C ALA A 193 4.58 -52.68 11.46
N SER A 194 3.44 -52.78 12.17
CA SER A 194 2.29 -53.51 11.66
C SER A 194 1.07 -53.09 12.47
N GLY A 195 -0.02 -52.76 11.78
CA GLY A 195 -0.05 -52.76 10.32
C GLY A 195 -0.18 -51.37 9.75
N VAL A 196 0.72 -51.04 8.81
CA VAL A 196 0.75 -49.73 8.18
C VAL A 196 0.00 -49.79 6.86
N ARG A 197 -0.89 -48.83 6.64
CA ARG A 197 -1.63 -48.76 5.39
C ARG A 197 -0.71 -48.31 4.25
N GLN A 198 -1.05 -48.75 3.04
CA GLN A 198 -0.35 -48.31 1.82
C GLN A 198 -0.33 -46.79 1.75
N GLY A 199 0.84 -46.21 1.99
CA GLY A 199 1.02 -44.78 1.97
C GLY A 199 2.05 -44.37 3.01
N THR A 200 1.92 -43.14 3.50
CA THR A 200 2.84 -42.60 4.48
C THR A 200 2.07 -41.79 5.51
N LYS A 201 2.26 -42.11 6.78
CA LYS A 201 1.57 -41.46 7.89
C LYS A 201 2.60 -40.79 8.79
N ILE A 202 2.37 -39.52 9.12
CA ILE A 202 3.30 -38.72 9.91
C ILE A 202 2.56 -38.18 11.13
N VAL A 203 3.15 -38.37 12.31
CA VAL A 203 2.59 -37.92 13.57
C VAL A 203 3.54 -36.91 14.19
N LEU A 204 3.02 -35.73 14.53
CA LEU A 204 3.81 -34.64 15.08
C LEU A 204 3.35 -34.35 16.50
N HIS A 205 4.18 -34.68 17.48
CA HIS A 205 3.93 -34.32 18.87
C HIS A 205 4.32 -32.85 19.04
N LEU A 206 3.33 -31.97 18.99
CA LEU A 206 3.57 -30.54 18.93
C LEU A 206 4.19 -30.02 20.23
N LYS A 207 4.88 -28.89 20.12
CA LYS A 207 5.48 -28.23 21.27
C LYS A 207 4.39 -27.53 22.09
N ASP A 208 4.80 -26.91 23.19
CA ASP A 208 3.85 -26.17 24.02
C ASP A 208 3.41 -24.89 23.33
N ASP A 209 4.35 -24.13 22.78
CA ASP A 209 4.02 -22.91 22.06
C ASP A 209 3.42 -23.17 20.68
N CYS A 210 3.26 -24.44 20.30
CA CYS A 210 2.68 -24.81 19.02
C CYS A 210 1.39 -25.61 19.18
N LYS A 211 0.77 -25.54 20.36
CA LYS A 211 -0.50 -26.22 20.59
C LYS A 211 -1.65 -25.64 19.77
N GLU A 212 -1.45 -24.47 19.16
CA GLU A 212 -2.47 -23.91 18.28
C GLU A 212 -2.70 -24.80 17.07
N PHE A 213 -1.68 -25.57 16.66
CA PHE A 213 -1.79 -26.45 15.50
C PHE A 213 -2.50 -27.76 15.81
N SER A 214 -3.02 -27.92 17.03
CA SER A 214 -3.91 -29.02 17.36
C SER A 214 -5.37 -28.62 17.27
N SER A 215 -5.66 -27.38 16.89
CA SER A 215 -7.02 -26.89 16.74
C SER A 215 -7.49 -27.13 15.32
N GLU A 216 -8.72 -27.65 15.19
CA GLU A 216 -9.28 -27.91 13.87
C GLU A 216 -9.48 -26.61 13.08
N ASP A 217 -9.77 -25.51 13.78
CA ASP A 217 -10.01 -24.25 13.09
C ASP A 217 -8.70 -23.63 12.60
N ARG A 218 -7.65 -23.69 13.42
CA ARG A 218 -6.37 -23.11 13.01
C ARG A 218 -5.77 -23.86 11.83
N VAL A 219 -5.78 -25.19 11.88
CA VAL A 219 -5.23 -25.98 10.79
C VAL A 219 -6.01 -25.74 9.51
N LYS A 220 -7.35 -25.60 9.62
CA LYS A 220 -8.16 -25.32 8.44
C LYS A 220 -7.80 -23.99 7.82
N GLU A 221 -7.36 -23.01 8.62
CA GLU A 221 -6.94 -21.73 8.08
C GLU A 221 -5.65 -21.86 7.29
N VAL A 222 -4.75 -22.75 7.72
CA VAL A 222 -3.46 -22.88 7.06
C VAL A 222 -3.62 -23.59 5.71
N VAL A 223 -4.49 -24.60 5.66
CA VAL A 223 -4.66 -25.37 4.42
C VAL A 223 -5.28 -24.50 3.33
N THR A 224 -6.26 -23.68 3.69
CA THR A 224 -6.93 -22.84 2.71
C THR A 224 -6.05 -21.69 2.20
N LYS A 225 -4.90 -21.45 2.83
CA LYS A 225 -4.02 -20.37 2.39
C LYS A 225 -3.05 -20.84 1.31
N TYR A 226 -2.28 -21.89 1.60
CA TYR A 226 -1.26 -22.36 0.68
C TYR A 226 -1.77 -23.48 -0.22
N SER A 227 -2.37 -24.52 0.37
CA SER A 227 -2.70 -25.74 -0.33
C SER A 227 -4.18 -25.86 -0.68
N ASN A 228 -4.82 -24.73 -1.01
CA ASN A 228 -6.25 -24.77 -1.32
C ASN A 228 -6.52 -25.31 -2.71
N PHE A 229 -5.49 -25.40 -3.57
CA PHE A 229 -5.66 -25.81 -4.96
C PHE A 229 -4.90 -27.10 -5.27
N VAL A 230 -4.67 -27.93 -4.26
CA VAL A 230 -4.03 -29.22 -4.50
C VAL A 230 -4.94 -30.10 -5.32
N SER A 231 -4.36 -30.86 -6.24
CA SER A 231 -5.15 -31.67 -7.18
C SER A 231 -5.98 -32.71 -6.44
N PHE A 232 -5.41 -33.34 -5.41
CA PHE A 232 -6.05 -34.44 -4.70
C PHE A 232 -6.87 -33.92 -3.53
N PRO A 233 -7.91 -34.67 -3.14
CA PRO A 233 -8.74 -34.23 -2.01
C PRO A 233 -7.96 -34.18 -0.71
N ILE A 234 -8.39 -33.30 0.19
CA ILE A 234 -7.78 -33.14 1.51
C ILE A 234 -8.89 -33.21 2.55
N PHE A 235 -8.75 -34.15 3.49
CA PHE A 235 -9.72 -34.34 4.55
C PHE A 235 -9.15 -33.85 5.88
N LEU A 236 -9.98 -33.19 6.68
CA LEU A 236 -9.62 -32.75 8.02
C LEU A 236 -10.59 -33.37 9.00
N ASN A 237 -10.13 -34.38 9.74
CA ASN A 237 -10.94 -35.14 10.69
C ASN A 237 -12.13 -35.80 10.03
N GLY A 238 -12.05 -36.07 8.73
CA GLY A 238 -13.12 -36.73 7.99
C GLY A 238 -13.92 -35.83 7.07
N ARG A 239 -13.62 -34.54 7.02
CA ARG A 239 -14.36 -33.59 6.18
C ARG A 239 -13.44 -32.99 5.15
N ARG A 240 -13.91 -32.91 3.90
CA ARG A 240 -13.11 -32.39 2.81
C ARG A 240 -13.10 -30.87 2.83
N LEU A 241 -11.96 -30.29 2.46
CA LEU A 241 -11.76 -28.84 2.54
C LEU A 241 -11.62 -28.23 1.14
N ASN A 242 -10.51 -28.50 0.45
CA ASN A 242 -10.20 -27.83 -0.82
C ASN A 242 -11.20 -28.17 -1.91
N THR A 243 -12.41 -27.62 -1.82
CA THR A 243 -13.43 -27.82 -2.85
C THR A 243 -13.24 -26.87 -4.04
N LEU A 244 -12.12 -26.17 -4.11
CA LEU A 244 -11.87 -25.18 -5.14
C LEU A 244 -10.84 -25.70 -6.13
N GLN A 245 -11.10 -25.49 -7.42
CA GLN A 245 -10.22 -25.94 -8.49
C GLN A 245 -9.46 -24.76 -9.09
N ALA A 246 -8.24 -25.01 -9.53
CA ALA A 246 -7.40 -23.98 -10.13
C ALA A 246 -7.89 -23.68 -11.54
N LEU A 247 -8.52 -22.52 -11.72
CA LEU A 247 -9.04 -22.16 -13.03
C LEU A 247 -7.94 -21.77 -14.01
N TRP A 248 -6.77 -21.34 -13.52
CA TRP A 248 -5.70 -20.92 -14.41
C TRP A 248 -5.04 -22.08 -15.13
N MET A 249 -5.40 -23.32 -14.81
CA MET A 249 -4.83 -24.50 -15.47
C MET A 249 -5.74 -25.06 -16.55
N MET A 250 -6.96 -24.56 -16.68
CA MET A 250 -7.92 -25.09 -17.64
C MET A 250 -7.86 -24.30 -18.96
N GLU A 251 -8.57 -24.82 -19.95
CA GLU A 251 -8.71 -24.11 -21.21
C GLU A 251 -9.60 -22.89 -21.01
N PRO A 252 -9.24 -21.72 -21.53
CA PRO A 252 -10.07 -20.52 -21.32
C PRO A 252 -11.47 -20.63 -21.92
N LYS A 253 -11.71 -21.61 -22.79
CA LYS A 253 -13.02 -21.76 -23.43
C LYS A 253 -13.99 -22.59 -22.59
N ASP A 254 -13.48 -23.58 -21.86
CA ASP A 254 -14.33 -24.43 -21.03
C ASP A 254 -14.66 -23.81 -19.68
N ILE A 255 -14.31 -22.54 -19.47
CA ILE A 255 -14.62 -21.83 -18.24
C ILE A 255 -15.75 -20.85 -18.53
N SER A 256 -16.81 -20.92 -17.73
CA SER A 256 -17.96 -20.06 -17.91
C SER A 256 -17.76 -18.73 -17.20
N GLU A 257 -18.66 -17.78 -17.48
CA GLU A 257 -18.58 -16.46 -16.87
C GLU A 257 -18.82 -16.52 -15.37
N TRP A 258 -19.77 -17.37 -14.93
CA TRP A 258 -20.04 -17.48 -13.50
C TRP A 258 -18.92 -18.19 -12.76
N GLN A 259 -18.04 -18.91 -13.46
CA GLN A 259 -16.87 -19.50 -12.83
C GLN A 259 -15.81 -18.44 -12.53
N HIS A 260 -15.61 -17.50 -13.45
CA HIS A 260 -14.66 -16.42 -13.21
C HIS A 260 -15.17 -15.46 -12.14
N GLU A 261 -16.47 -15.15 -12.16
CA GLU A 261 -17.04 -14.32 -11.11
C GLU A 261 -16.88 -14.96 -9.74
N GLU A 262 -17.08 -16.28 -9.66
CA GLU A 262 -16.93 -16.98 -8.39
C GLU A 262 -15.47 -17.08 -7.98
N PHE A 263 -14.55 -17.20 -8.95
CA PHE A 263 -13.13 -17.28 -8.63
C PHE A 263 -12.56 -15.92 -8.26
N TYR A 264 -13.03 -14.85 -8.91
CA TYR A 264 -12.53 -13.52 -8.61
C TYR A 264 -12.84 -13.11 -7.18
N ARG A 265 -14.04 -13.44 -6.69
CA ARG A 265 -14.40 -13.08 -5.32
C ARG A 265 -13.48 -13.77 -4.32
N TYR A 266 -12.94 -14.94 -4.67
CA TYR A 266 -12.05 -15.65 -3.77
C TYR A 266 -10.62 -15.14 -3.89
N VAL A 267 -10.09 -15.08 -5.11
CA VAL A 267 -8.68 -14.76 -5.31
C VAL A 267 -8.40 -13.30 -4.95
N ALA A 268 -9.39 -12.43 -5.10
CA ALA A 268 -9.23 -11.01 -4.79
C ALA A 268 -9.85 -10.62 -3.46
N GLN A 269 -10.45 -11.57 -2.75
CA GLN A 269 -11.11 -11.32 -1.47
C GLN A 269 -12.25 -10.30 -1.58
N ALA A 270 -12.75 -10.08 -2.78
CA ALA A 270 -13.79 -9.11 -3.03
C ALA A 270 -15.16 -9.79 -3.08
N TYR A 271 -16.19 -9.00 -3.37
CA TYR A 271 -17.55 -9.53 -3.41
C TYR A 271 -18.35 -9.00 -4.60
N ASP A 272 -17.70 -8.35 -5.56
CA ASP A 272 -18.36 -7.86 -6.76
C ASP A 272 -18.02 -8.76 -7.95
N LYS A 273 -18.19 -8.24 -9.16
CA LYS A 273 -17.90 -9.00 -10.36
C LYS A 273 -16.75 -8.35 -11.13
N PRO A 274 -15.88 -9.14 -11.76
CA PRO A 274 -14.77 -8.57 -12.53
C PRO A 274 -15.27 -8.01 -13.86
N ARG A 275 -15.09 -6.71 -14.07
CA ARG A 275 -15.55 -6.09 -15.31
C ARG A 275 -14.74 -6.59 -16.50
N TYR A 276 -13.45 -6.85 -16.32
CA TYR A 276 -12.59 -7.37 -17.36
C TYR A 276 -11.93 -8.66 -16.87
N THR A 277 -11.71 -9.60 -17.79
CA THR A 277 -11.11 -10.88 -17.47
C THR A 277 -10.12 -11.26 -18.56
N LEU A 278 -8.86 -11.45 -18.18
CA LEU A 278 -7.81 -11.86 -19.10
C LEU A 278 -7.25 -13.20 -18.64
N HIS A 279 -7.35 -14.21 -19.49
CA HIS A 279 -6.84 -15.55 -19.22
C HIS A 279 -5.64 -15.76 -20.13
N TYR A 280 -4.44 -15.50 -19.61
CA TYR A 280 -3.22 -15.55 -20.39
C TYR A 280 -2.52 -16.88 -20.18
N ARG A 281 -2.25 -17.59 -21.27
CA ARG A 281 -1.53 -18.86 -21.25
C ARG A 281 -0.43 -18.81 -22.30
N ALA A 282 0.82 -18.87 -21.85
CA ALA A 282 1.96 -18.80 -22.75
C ALA A 282 3.03 -19.79 -22.31
N ASP A 283 3.85 -20.22 -23.27
CA ASP A 283 4.89 -21.20 -23.02
C ASP A 283 6.27 -20.72 -23.49
N ALA A 284 6.43 -19.41 -23.72
CA ALA A 284 7.70 -18.97 -24.28
C ALA A 284 8.68 -18.58 -23.17
N PRO A 285 8.46 -17.50 -22.36
CA PRO A 285 9.24 -17.41 -21.12
C PRO A 285 8.68 -18.32 -20.04
N LEU A 286 9.34 -19.47 -19.82
CA LEU A 286 8.95 -20.43 -18.78
C LEU A 286 7.55 -20.96 -19.09
N ASN A 287 6.67 -21.04 -18.09
CA ASN A 287 5.28 -21.45 -18.27
C ASN A 287 4.41 -20.43 -17.57
N ILE A 288 3.46 -19.85 -18.30
CA ILE A 288 2.59 -18.82 -17.78
C ILE A 288 1.15 -19.33 -17.81
N ARG A 289 0.59 -19.57 -16.62
CA ARG A 289 -0.81 -19.97 -16.45
C ARG A 289 -1.44 -18.94 -15.52
N SER A 290 -1.89 -17.82 -16.08
CA SER A 290 -2.33 -16.68 -15.29
C SER A 290 -3.73 -16.26 -15.70
N ILE A 291 -4.46 -15.68 -14.74
CA ILE A 291 -5.77 -15.08 -14.96
C ILE A 291 -5.78 -13.74 -14.25
N PHE A 292 -6.14 -12.68 -14.98
CA PHE A 292 -6.17 -11.33 -14.43
C PHE A 292 -7.60 -10.81 -14.41
N TYR A 293 -7.89 -9.95 -13.43
CA TYR A 293 -9.22 -9.39 -13.27
C TYR A 293 -9.12 -7.89 -13.04
N VAL A 294 -10.23 -7.20 -13.29
CA VAL A 294 -10.37 -5.78 -13.00
C VAL A 294 -11.67 -5.61 -12.23
N PRO A 295 -11.64 -5.14 -10.98
CA PRO A 295 -12.88 -5.01 -10.21
C PRO A 295 -13.84 -4.02 -10.83
N GLU A 296 -15.13 -4.27 -10.62
CA GLU A 296 -16.17 -3.37 -11.12
C GLU A 296 -16.43 -2.20 -10.19
N MET A 297 -16.02 -2.31 -8.92
CA MET A 297 -16.14 -1.22 -7.97
C MET A 297 -14.87 -0.38 -7.97
N LYS A 298 -15.06 0.94 -7.96
CA LYS A 298 -13.91 1.84 -7.97
C LYS A 298 -13.24 1.84 -6.61
N PRO A 299 -11.91 1.73 -6.55
CA PRO A 299 -11.22 1.80 -5.25
C PRO A 299 -11.22 3.22 -4.71
N SER A 300 -11.03 3.32 -3.39
CA SER A 300 -11.02 4.60 -2.71
C SER A 300 -10.07 4.52 -1.52
N MET A 301 -10.21 5.46 -0.59
CA MET A 301 -9.33 5.50 0.57
C MET A 301 -9.70 4.44 1.60
N PHE A 302 -11.00 4.23 1.83
CA PHE A 302 -11.46 3.29 2.83
C PHE A 302 -11.18 1.86 2.41
N ASP A 303 -9.91 1.46 2.40
CA ASP A 303 -9.53 0.09 2.06
C ASP A 303 -8.59 -0.49 3.12
N SER A 310 -6.02 -6.69 -1.40
CA SER A 310 -5.18 -7.73 -1.97
C SER A 310 -4.59 -7.28 -3.30
N SER A 311 -4.01 -8.23 -4.04
CA SER A 311 -3.42 -7.94 -5.34
C SER A 311 -3.37 -9.18 -6.21
N VAL A 312 -2.25 -9.40 -6.89
CA VAL A 312 -2.06 -10.56 -7.74
C VAL A 312 -1.24 -11.58 -6.97
N ALA A 313 -1.80 -12.77 -6.78
CA ALA A 313 -1.11 -13.83 -6.07
C ALA A 313 -0.15 -14.56 -7.00
N LEU A 314 0.91 -15.11 -6.42
CA LEU A 314 1.93 -15.84 -7.16
C LEU A 314 1.91 -17.30 -6.71
N TYR A 315 1.55 -18.20 -7.63
CA TYR A 315 1.56 -19.62 -7.38
C TYR A 315 2.63 -20.29 -8.24
N SER A 316 3.03 -21.48 -7.82
CA SER A 316 4.00 -22.28 -8.56
C SER A 316 3.66 -23.75 -8.32
N ARG A 317 3.17 -24.43 -9.35
CA ARG A 317 2.69 -25.81 -9.24
C ARG A 317 1.56 -25.92 -8.22
N LYS A 318 0.58 -25.02 -8.36
CA LYS A 318 -0.66 -24.98 -7.59
C LYS A 318 -0.44 -24.67 -6.11
N ILE A 319 0.74 -24.18 -5.72
CA ILE A 319 1.05 -23.86 -4.33
C ILE A 319 1.34 -22.38 -4.23
N LEU A 320 0.76 -21.73 -3.23
CA LEU A 320 0.94 -20.29 -3.04
C LEU A 320 2.38 -19.97 -2.64
N ILE A 321 2.96 -18.99 -3.32
CA ILE A 321 4.30 -18.49 -3.02
C ILE A 321 4.24 -17.09 -2.41
N GLN A 322 3.45 -16.20 -3.02
CA GLN A 322 3.29 -14.83 -2.54
C GLN A 322 1.84 -14.42 -2.73
N THR A 323 1.22 -13.92 -1.64
CA THR A 323 -0.14 -13.42 -1.75
C THR A 323 -0.19 -12.13 -2.55
N LYS A 324 0.80 -11.26 -2.37
CA LYS A 324 0.92 -10.01 -3.12
C LYS A 324 2.25 -10.06 -3.86
N ALA A 325 2.20 -10.41 -5.15
CA ALA A 325 3.42 -10.54 -5.93
C ALA A 325 4.12 -9.19 -6.07
N THR A 326 5.44 -9.24 -6.25
CA THR A 326 6.26 -8.04 -6.26
C THR A 326 7.09 -7.85 -7.53
N ASP A 327 7.56 -8.92 -8.16
CA ASP A 327 8.50 -8.82 -9.25
C ASP A 327 7.91 -9.11 -10.63
N ILE A 328 6.68 -9.63 -10.70
CA ILE A 328 6.13 -10.05 -11.99
C ILE A 328 5.34 -8.95 -12.69
N LEU A 329 4.93 -7.90 -11.99
CA LEU A 329 4.13 -6.84 -12.59
C LEU A 329 4.69 -5.48 -12.20
N PRO A 330 4.56 -4.49 -13.08
CA PRO A 330 4.98 -3.13 -12.72
C PRO A 330 4.07 -2.53 -11.67
N LYS A 331 4.51 -1.40 -11.13
CA LYS A 331 3.76 -0.75 -10.05
C LYS A 331 2.43 -0.18 -10.53
N TRP A 332 2.38 0.31 -11.78
CA TRP A 332 1.15 0.92 -12.27
C TRP A 332 0.06 -0.09 -12.59
N LEU A 333 0.39 -1.38 -12.61
CA LEU A 333 -0.59 -2.44 -12.84
C LEU A 333 -1.00 -3.15 -11.56
N ARG A 334 -0.76 -2.54 -10.40
CA ARG A 334 -1.14 -3.16 -9.14
C ARG A 334 -2.66 -3.20 -8.93
N PHE A 335 -3.42 -2.43 -9.72
CA PHE A 335 -4.87 -2.50 -9.63
C PHE A 335 -5.45 -3.80 -10.16
N LEU A 336 -4.65 -4.61 -10.85
CA LEU A 336 -5.12 -5.88 -11.35
C LEU A 336 -5.24 -6.90 -10.22
N ARG A 337 -6.25 -7.76 -10.31
CA ARG A 337 -6.44 -8.87 -9.40
C ARG A 337 -6.25 -10.19 -10.16
N GLY A 338 -5.99 -11.25 -9.41
CA GLY A 338 -5.87 -12.55 -10.03
C GLY A 338 -4.72 -13.40 -9.50
N VAL A 339 -4.14 -14.21 -10.37
CA VAL A 339 -3.13 -15.19 -9.97
C VAL A 339 -2.23 -15.47 -11.17
N VAL A 340 -0.93 -15.57 -10.91
CA VAL A 340 0.06 -15.92 -11.93
C VAL A 340 0.79 -17.17 -11.45
N ASP A 341 0.76 -18.22 -12.27
CA ASP A 341 1.38 -19.49 -11.94
C ASP A 341 2.49 -19.80 -12.94
N SER A 342 3.61 -20.29 -12.43
CA SER A 342 4.75 -20.67 -13.27
C SER A 342 5.32 -21.98 -12.73
N GLU A 343 5.59 -22.91 -13.64
CA GLU A 343 6.11 -24.23 -13.27
C GLU A 343 7.62 -24.25 -13.15
N ASP A 344 8.32 -23.35 -13.83
CA ASP A 344 9.79 -23.39 -13.89
C ASP A 344 10.42 -22.07 -13.45
N ILE A 345 9.71 -21.26 -12.69
CA ILE A 345 10.25 -19.99 -12.21
C ILE A 345 11.21 -20.30 -11.05
N PRO A 346 12.38 -19.65 -11.00
CA PRO A 346 13.34 -19.96 -9.93
C PRO A 346 12.79 -19.62 -8.54
N LEU A 347 12.59 -20.64 -7.72
CA LEU A 347 12.03 -20.47 -6.38
C LEU A 347 13.15 -20.34 -5.35
N ASN A 348 12.88 -19.53 -4.33
CA ASN A 348 13.78 -19.42 -3.19
C ASN A 348 13.66 -20.65 -2.30
N LEU A 349 14.66 -20.84 -1.44
CA LEU A 349 14.64 -21.97 -0.52
C LEU A 349 13.48 -21.89 0.46
N SER A 350 12.98 -20.68 0.74
CA SER A 350 11.86 -20.51 1.66
C SER A 350 10.51 -20.66 0.99
N ARG A 351 10.47 -20.80 -0.34
CA ARG A 351 9.25 -20.94 -1.11
C ARG A 351 8.27 -19.79 -0.90
N GLU A 352 8.76 -18.63 -0.46
CA GLU A 352 7.95 -17.43 -0.34
C GLU A 352 8.60 -16.24 -1.04
N LEU A 353 9.72 -16.45 -1.74
CA LEU A 353 10.38 -15.41 -2.51
C LEU A 353 10.82 -16.00 -3.84
N LEU A 354 11.23 -15.12 -4.75
CA LEU A 354 11.75 -15.50 -6.04
C LEU A 354 13.21 -15.08 -6.17
N GLN A 355 13.96 -15.83 -6.96
CA GLN A 355 15.36 -15.50 -7.21
C GLN A 355 15.46 -14.41 -8.26
N GLU A 356 16.56 -13.65 -8.20
CA GLU A 356 16.85 -12.67 -9.23
C GLU A 356 17.19 -13.40 -10.52
N SER A 357 16.40 -13.18 -11.57
CA SER A 357 16.57 -13.90 -12.82
C SER A 357 16.19 -12.99 -13.98
N ALA A 358 16.92 -13.13 -15.10
CA ALA A 358 16.55 -12.43 -16.31
C ALA A 358 15.23 -12.93 -16.89
N LEU A 359 14.85 -14.17 -16.56
CA LEU A 359 13.56 -14.69 -17.01
C LEU A 359 12.40 -13.99 -16.32
N ILE A 360 12.59 -13.56 -15.07
CA ILE A 360 11.52 -12.88 -14.35
C ILE A 360 11.38 -11.44 -14.82
N ARG A 361 12.50 -10.77 -15.11
CA ARG A 361 12.43 -9.40 -15.63
C ARG A 361 11.82 -9.37 -17.03
N LYS A 362 12.07 -10.39 -17.85
CA LYS A 362 11.42 -10.45 -19.15
C LYS A 362 9.96 -10.85 -19.03
N LEU A 363 9.62 -11.62 -18.00
CA LEU A 363 8.22 -11.96 -17.76
C LEU A 363 7.40 -10.73 -17.45
N ARG A 364 7.97 -9.77 -16.70
CA ARG A 364 7.26 -8.54 -16.39
C ARG A 364 7.02 -7.70 -17.65
N ASP A 365 7.95 -7.75 -18.61
CA ASP A 365 7.78 -6.99 -19.84
C ASP A 365 6.69 -7.60 -20.73
N VAL A 366 6.66 -8.93 -20.82
CA VAL A 366 5.64 -9.59 -21.63
C VAL A 366 4.25 -9.34 -21.06
N LEU A 367 4.13 -9.40 -19.73
CA LEU A 367 2.84 -9.14 -19.09
C LEU A 367 2.40 -7.70 -19.26
N GLN A 368 3.35 -6.76 -19.26
CA GLN A 368 2.99 -5.36 -19.43
C GLN A 368 2.46 -5.09 -20.83
N GLN A 369 3.04 -5.74 -21.85
CA GLN A 369 2.55 -5.56 -23.21
C GLN A 369 1.23 -6.29 -23.43
N ARG A 370 1.02 -7.41 -22.74
CA ARG A 370 -0.23 -8.14 -22.91
C ARG A 370 -1.41 -7.40 -22.30
N VAL A 371 -1.22 -6.82 -21.12
CA VAL A 371 -2.29 -6.05 -20.48
C VAL A 371 -2.60 -4.79 -21.29
N ILE A 372 -1.57 -4.19 -21.87
CA ILE A 372 -1.78 -3.01 -22.73
C ILE A 372 -2.56 -3.40 -23.98
N ARG A 373 -2.13 -4.49 -24.64
CA ARG A 373 -2.84 -4.94 -25.84
C ARG A 373 -4.22 -5.48 -25.51
N PHE A 374 -4.46 -5.91 -24.26
CA PHE A 374 -5.77 -6.38 -23.87
C PHE A 374 -6.74 -5.24 -23.62
N LEU A 375 -6.29 -4.19 -22.93
CA LEU A 375 -7.16 -3.04 -22.68
C LEU A 375 -7.42 -2.25 -23.96
N LEU A 376 -6.50 -2.29 -24.92
CA LEU A 376 -6.74 -1.64 -26.20
C LEU A 376 -7.84 -2.34 -26.97
N ASP A 377 -7.91 -3.68 -26.86
CA ASP A 377 -8.98 -4.41 -27.53
C ASP A 377 -10.34 -4.11 -26.90
N GLN A 378 -10.38 -3.94 -25.58
CA GLN A 378 -11.62 -3.59 -24.91
C GLN A 378 -12.09 -2.19 -25.25
N SER A 379 -11.18 -1.30 -25.66
CA SER A 379 -11.59 0.02 -26.10
C SER A 379 -12.23 0.00 -27.48
N LYS A 380 -11.95 -1.01 -28.29
CA LYS A 380 -12.57 -1.15 -29.61
C LYS A 380 -13.83 -2.01 -29.56
N LYS A 381 -13.83 -3.05 -28.74
CA LYS A 381 -15.03 -3.88 -28.60
C LYS A 381 -16.15 -3.12 -27.93
N ASP A 382 -15.84 -2.20 -27.01
CA ASP A 382 -16.85 -1.43 -26.32
C ASP A 382 -16.24 -0.13 -25.80
N PRO A 383 -16.26 0.94 -26.61
CA PRO A 383 -15.78 2.24 -26.10
C PRO A 383 -16.59 2.76 -24.93
N GLU A 384 -17.88 2.45 -24.87
CA GLU A 384 -18.71 2.86 -23.74
C GLU A 384 -18.22 2.20 -22.45
N LYS A 385 -17.88 0.91 -22.51
CA LYS A 385 -17.40 0.23 -21.32
C LYS A 385 -15.99 0.65 -20.96
N TYR A 386 -15.15 0.95 -21.95
CA TYR A 386 -13.80 1.39 -21.65
C TYR A 386 -13.78 2.81 -21.08
N ALA A 387 -14.73 3.65 -21.49
CA ALA A 387 -14.81 5.00 -20.94
C ALA A 387 -15.13 4.95 -19.44
N ARG A 388 -15.97 4.01 -19.03
CA ARG A 388 -16.22 3.81 -17.61
C ARG A 388 -14.98 3.29 -16.89
N PHE A 389 -14.16 2.47 -17.58
CA PHE A 389 -12.95 1.95 -16.96
C PHE A 389 -11.90 3.04 -16.80
N PHE A 390 -11.79 3.95 -17.78
CA PHE A 390 -10.77 5.00 -17.70
C PHE A 390 -11.12 6.06 -16.66
N GLU A 391 -12.40 6.19 -16.29
CA GLU A 391 -12.77 7.17 -15.29
C GLU A 391 -12.38 6.74 -13.88
N ASP A 392 -12.35 5.44 -13.61
CA ASP A 392 -12.05 4.93 -12.28
C ASP A 392 -10.57 4.59 -12.13
N TYR A 393 -10.00 3.89 -13.10
CA TYR A 393 -8.62 3.42 -13.03
C TYR A 393 -7.68 4.19 -13.96
N GLY A 394 -8.11 5.37 -14.42
CA GLY A 394 -7.27 6.18 -15.30
C GLY A 394 -6.03 6.73 -14.63
N LEU A 395 -6.06 6.90 -13.30
CA LEU A 395 -4.90 7.44 -12.60
C LEU A 395 -3.73 6.48 -12.60
N PHE A 396 -3.96 5.19 -12.81
CA PHE A 396 -2.86 4.23 -12.84
C PHE A 396 -2.03 4.35 -14.12
N MET A 397 -2.68 4.68 -15.24
CA MET A 397 -1.92 4.94 -16.47
C MET A 397 -1.13 6.23 -16.35
N ARG A 398 -1.72 7.26 -15.77
CA ARG A 398 -1.00 8.51 -15.54
C ARG A 398 0.15 8.32 -14.56
N GLU A 399 0.00 7.40 -13.62
CA GLU A 399 1.12 7.07 -12.73
C GLU A 399 2.20 6.28 -13.46
N GLY A 400 1.81 5.44 -14.42
CA GLY A 400 2.79 4.62 -15.11
C GLY A 400 3.69 5.40 -16.03
N ILE A 401 3.12 6.37 -16.76
CA ILE A 401 3.92 7.16 -17.70
C ILE A 401 4.93 8.00 -16.95
N VAL A 402 4.63 8.39 -15.71
CA VAL A 402 5.55 9.22 -14.95
C VAL A 402 6.63 8.37 -14.27
N THR A 403 6.22 7.22 -13.70
CA THR A 403 7.16 6.44 -12.89
C THR A 403 8.20 5.74 -13.76
N THR A 404 7.78 5.12 -14.86
CA THR A 404 8.70 4.39 -15.70
C THR A 404 9.72 5.33 -16.34
N GLY A 405 10.87 4.76 -16.71
CA GLY A 405 11.94 5.54 -17.30
C GLY A 405 12.32 5.10 -18.70
N GLU A 406 11.42 4.35 -19.35
CA GLU A 406 11.63 3.87 -20.71
C GLU A 406 10.67 4.60 -21.64
N GLN A 407 11.23 5.28 -22.65
CA GLN A 407 10.40 6.12 -23.52
C GLN A 407 9.46 5.28 -24.38
N SER A 408 9.92 4.10 -24.83
CA SER A 408 9.06 3.25 -25.64
C SER A 408 7.85 2.74 -24.86
N VAL A 409 7.99 2.59 -23.54
CA VAL A 409 6.86 2.18 -22.72
C VAL A 409 5.93 3.34 -22.43
N LYS A 410 6.47 4.55 -22.29
CA LYS A 410 5.63 5.72 -22.04
C LYS A 410 4.65 5.95 -23.18
N GLU A 411 5.01 5.58 -24.41
CA GLU A 411 4.13 5.71 -25.55
C GLU A 411 3.21 4.51 -25.71
N ASP A 412 3.55 3.35 -25.14
CA ASP A 412 2.66 2.21 -25.15
C ASP A 412 1.52 2.40 -24.18
N ILE A 413 1.79 2.98 -23.01
CA ILE A 413 0.74 3.27 -22.05
C ILE A 413 -0.11 4.45 -22.53
N ALA A 414 0.51 5.39 -23.26
CA ALA A 414 -0.21 6.57 -23.73
C ALA A 414 -1.33 6.22 -24.70
N LYS A 415 -1.27 5.06 -25.35
CA LYS A 415 -2.35 4.63 -26.22
C LYS A 415 -3.64 4.37 -25.45
N LEU A 416 -3.55 4.20 -24.13
CA LEU A 416 -4.71 4.00 -23.29
C LEU A 416 -5.35 5.31 -22.81
N LEU A 417 -4.66 6.43 -22.98
CA LEU A 417 -5.15 7.70 -22.48
C LEU A 417 -6.34 8.19 -23.31
N ARG A 418 -7.22 8.95 -22.66
CA ARG A 418 -8.40 9.52 -23.30
C ARG A 418 -8.52 10.98 -22.88
N PHE A 419 -8.73 11.86 -23.86
CA PHE A 419 -8.88 13.28 -23.61
C PHE A 419 -10.01 13.83 -24.47
N GLU A 420 -10.48 15.01 -24.09
CA GLU A 420 -11.40 15.77 -24.94
C GLU A 420 -10.61 16.74 -25.80
N SER A 421 -11.19 17.11 -26.94
CA SER A 421 -10.51 17.94 -27.93
C SER A 421 -11.27 19.23 -28.16
N SER A 422 -10.57 20.21 -28.74
CA SER A 422 -11.19 21.49 -29.07
C SER A 422 -12.05 21.40 -30.32
N ALA A 423 -11.71 20.51 -31.24
CA ALA A 423 -12.48 20.33 -32.47
C ALA A 423 -13.51 19.21 -32.36
N LEU A 424 -13.95 18.89 -31.14
CA LEU A 424 -14.92 17.84 -30.90
C LEU A 424 -15.94 18.32 -29.89
N PRO A 425 -17.17 17.81 -29.94
CA PRO A 425 -18.18 18.21 -28.96
C PRO A 425 -17.82 17.72 -27.56
N ALA A 426 -18.46 18.33 -26.57
CA ALA A 426 -18.17 18.02 -25.18
C ALA A 426 -18.66 16.62 -24.81
N GLY A 427 -17.97 16.01 -23.85
CA GLY A 427 -18.33 14.71 -23.34
C GLY A 427 -17.83 13.53 -24.15
N GLN A 428 -17.08 13.76 -25.22
CA GLN A 428 -16.55 12.70 -26.06
C GLN A 428 -15.05 12.59 -25.89
N GLN A 429 -14.55 11.36 -25.94
CA GLN A 429 -13.15 11.06 -25.68
C GLN A 429 -12.44 10.62 -26.96
N THR A 430 -11.14 10.90 -27.03
CA THR A 430 -10.30 10.43 -28.12
C THR A 430 -8.91 10.12 -27.57
N SER A 431 -8.17 9.32 -28.32
CA SER A 431 -6.84 8.90 -27.94
C SER A 431 -5.78 9.76 -28.63
N LEU A 432 -4.54 9.63 -28.17
CA LEU A 432 -3.42 10.32 -28.80
C LEU A 432 -3.17 9.82 -30.21
N MET A 433 -3.58 8.59 -30.53
CA MET A 433 -3.48 8.07 -31.89
C MET A 433 -4.52 8.69 -32.80
N GLU A 434 -5.68 9.08 -32.25
CA GLU A 434 -6.70 9.76 -33.05
C GLU A 434 -6.32 11.22 -33.31
N TYR A 435 -5.68 11.87 -32.34
CA TYR A 435 -5.25 13.25 -32.52
C TYR A 435 -4.21 13.34 -33.64
N SER A 436 -3.19 12.49 -33.60
CA SER A 436 -2.18 12.47 -34.66
C SER A 436 -2.76 12.04 -36.00
N SER A 437 -3.93 11.39 -35.99
CA SER A 437 -4.54 10.96 -37.25
C SER A 437 -5.16 12.13 -37.98
N ARG A 438 -5.78 13.06 -37.26
CA ARG A 438 -6.49 14.19 -37.87
C ARG A 438 -5.62 15.43 -37.99
N MET A 439 -4.34 15.36 -37.62
CA MET A 439 -3.47 16.53 -37.70
C MET A 439 -3.21 16.91 -39.15
N LYS A 440 -2.82 18.17 -39.34
CA LYS A 440 -2.45 18.65 -40.66
C LYS A 440 -1.24 17.90 -41.18
N ALA A 441 -1.22 17.63 -42.48
CA ALA A 441 -0.15 16.83 -43.06
C ALA A 441 1.21 17.52 -42.96
N GLY A 442 1.23 18.84 -42.71
CA GLY A 442 2.48 19.56 -42.63
C GLY A 442 2.80 20.08 -41.24
N THR A 443 2.53 19.27 -40.22
CA THR A 443 2.85 19.64 -38.84
C THR A 443 3.05 18.37 -38.02
N ARG A 444 3.90 18.48 -37.00
CA ARG A 444 4.20 17.36 -36.11
C ARG A 444 4.33 17.85 -34.67
N ASN A 445 3.30 18.55 -34.18
CA ASN A 445 3.28 19.06 -32.82
C ASN A 445 1.93 18.73 -32.18
N ILE A 446 1.97 18.09 -31.03
CA ILE A 446 0.78 17.80 -30.25
C ILE A 446 0.55 18.95 -29.28
N TYR A 447 -0.60 19.62 -29.42
CA TYR A 447 -0.94 20.77 -28.60
C TYR A 447 -2.03 20.38 -27.62
N TYR A 448 -1.86 20.78 -26.36
CA TYR A 448 -2.81 20.45 -25.30
C TYR A 448 -2.95 21.65 -24.36
N LEU A 449 -4.08 21.69 -23.65
CA LEU A 449 -4.35 22.72 -22.66
C LEU A 449 -5.08 22.07 -21.50
N CYS A 450 -4.40 21.96 -20.36
CA CYS A 450 -4.95 21.30 -19.18
C CYS A 450 -5.69 22.34 -18.33
N ALA A 451 -7.02 22.30 -18.36
CA ALA A 451 -7.87 23.21 -17.63
C ALA A 451 -8.81 22.42 -16.72
N PRO A 452 -9.37 23.07 -15.69
CA PRO A 452 -10.34 22.38 -14.83
C PRO A 452 -11.55 21.85 -15.59
N ASN A 453 -12.37 22.74 -16.13
CA ASN A 453 -13.56 22.37 -16.89
C ASN A 453 -13.47 22.94 -18.30
N ARG A 454 -14.58 22.83 -19.05
CA ARG A 454 -14.59 23.29 -20.43
C ARG A 454 -14.87 24.78 -20.55
N HIS A 455 -15.64 25.34 -19.62
CA HIS A 455 -15.88 26.78 -19.65
C HIS A 455 -14.60 27.56 -19.42
N LEU A 456 -13.62 26.95 -18.76
CA LEU A 456 -12.32 27.59 -18.54
C LEU A 456 -11.33 27.31 -19.65
N ALA A 457 -11.52 26.24 -20.41
CA ALA A 457 -10.63 25.92 -21.53
C ALA A 457 -11.05 26.62 -22.82
N GLU A 458 -12.35 26.74 -23.07
CA GLU A 458 -12.82 27.44 -24.26
C GLU A 458 -12.57 28.94 -24.16
N HIS A 459 -12.57 29.49 -22.95
CA HIS A 459 -12.33 30.91 -22.73
C HIS A 459 -10.91 31.18 -22.23
N SER A 460 -9.94 30.41 -22.72
CA SER A 460 -8.56 30.61 -22.30
C SER A 460 -7.84 31.56 -23.26
N PRO A 461 -7.15 32.58 -22.76
CA PRO A 461 -6.44 33.49 -23.67
C PRO A 461 -5.38 32.80 -24.51
N TYR A 462 -4.79 31.71 -24.00
CA TYR A 462 -3.83 30.94 -24.78
C TYR A 462 -4.50 30.00 -25.76
N PHE A 463 -5.76 29.61 -25.51
CA PHE A 463 -6.48 28.77 -26.46
C PHE A 463 -7.05 29.58 -27.62
N GLU A 464 -7.45 30.83 -27.36
CA GLU A 464 -8.02 31.66 -28.42
C GLU A 464 -7.00 31.95 -29.51
N ALA A 465 -5.71 31.93 -29.17
CA ALA A 465 -4.68 32.05 -30.21
C ALA A 465 -4.61 30.78 -31.05
N MET A 466 -4.76 29.61 -30.41
CA MET A 466 -4.80 28.34 -31.11
C MET A 466 -6.12 28.11 -31.83
N LYS A 467 -7.11 28.97 -31.65
CA LYS A 467 -8.40 28.85 -32.30
C LYS A 467 -8.45 29.55 -33.65
N GLN A 468 -7.55 30.50 -33.88
CA GLN A 468 -7.53 31.25 -35.14
C GLN A 468 -6.57 30.60 -36.13
N LYS A 469 -5.27 30.90 -35.98
CA LYS A 469 -4.28 30.39 -36.92
C LYS A 469 -4.13 28.88 -36.80
N ASP A 470 -3.70 28.40 -35.63
CA ASP A 470 -3.53 26.97 -35.42
C ASP A 470 -4.90 26.29 -35.31
N MET A 471 -4.89 24.96 -35.13
CA MET A 471 -6.09 24.18 -35.29
C MET A 471 -6.40 23.48 -33.98
N GLU A 472 -6.14 22.18 -33.87
CA GLU A 472 -6.70 21.35 -32.81
C GLU A 472 -5.88 21.43 -31.53
N VAL A 473 -6.57 21.41 -30.39
CA VAL A 473 -5.96 21.41 -29.07
C VAL A 473 -6.67 20.37 -28.21
N LEU A 474 -5.91 19.64 -27.40
CA LEU A 474 -6.47 18.66 -26.48
C LEU A 474 -6.85 19.32 -25.17
N PHE A 475 -8.00 18.91 -24.61
CA PHE A 475 -8.49 19.41 -23.34
C PHE A 475 -8.35 18.30 -22.31
N CYS A 476 -7.50 18.53 -21.31
CA CYS A 476 -7.22 17.56 -20.26
C CYS A 476 -7.79 18.08 -18.95
N PHE A 477 -8.96 17.57 -18.56
CA PHE A 477 -9.62 18.02 -17.34
C PHE A 477 -9.25 17.21 -16.12
N GLU A 478 -8.83 15.95 -16.31
CA GLU A 478 -8.58 15.07 -15.19
C GLU A 478 -7.38 15.55 -14.37
N GLN A 479 -7.29 15.06 -13.14
CA GLN A 479 -6.21 15.42 -12.25
C GLN A 479 -4.91 14.77 -12.70
N PHE A 480 -3.79 15.46 -12.43
CA PHE A 480 -2.45 15.02 -12.79
C PHE A 480 -2.27 14.82 -14.28
N ASP A 481 -3.10 15.49 -15.11
CA ASP A 481 -2.98 15.36 -16.55
C ASP A 481 -1.80 16.15 -17.10
N GLU A 482 -1.41 17.24 -16.45
CA GLU A 482 -0.35 18.09 -16.97
C GLU A 482 1.00 17.36 -16.92
N LEU A 483 1.45 16.99 -15.72
CA LEU A 483 2.75 16.35 -15.58
C LEU A 483 2.79 14.98 -16.24
N THR A 484 1.63 14.38 -16.53
CA THR A 484 1.61 13.15 -17.31
C THR A 484 2.10 13.38 -18.73
N LEU A 485 1.58 14.41 -19.38
CA LEU A 485 2.08 14.77 -20.71
C LEU A 485 3.45 15.42 -20.63
N LEU A 486 3.78 16.05 -19.49
CA LEU A 486 5.12 16.61 -19.32
C LEU A 486 6.16 15.51 -19.18
N HIS A 487 5.86 14.47 -18.40
CA HIS A 487 6.75 13.31 -18.35
C HIS A 487 6.67 12.48 -19.62
N LEU A 488 5.58 12.58 -20.37
CA LEU A 488 5.50 11.89 -21.65
C LEU A 488 6.48 12.48 -22.66
N ARG A 489 6.60 13.80 -22.68
CA ARG A 489 7.55 14.52 -23.53
C ARG A 489 7.33 14.24 -25.02
N GLU A 490 7.47 12.99 -25.43
CA GLU A 490 7.41 12.62 -26.84
C GLU A 490 6.42 11.47 -27.04
N PHE A 491 5.57 11.59 -28.04
CA PHE A 491 4.65 10.53 -28.43
C PHE A 491 4.61 10.45 -29.94
N ASP A 492 4.70 9.23 -30.48
CA ASP A 492 4.65 8.99 -31.92
C ASP A 492 5.74 9.78 -32.65
N ARG A 493 6.92 9.86 -32.04
CA ARG A 493 8.04 10.63 -32.55
C ARG A 493 7.68 12.10 -32.76
N LYS A 494 6.75 12.60 -31.94
CA LYS A 494 6.27 13.97 -32.06
C LYS A 494 6.21 14.60 -30.68
N LYS A 495 6.37 15.93 -30.65
CA LYS A 495 6.44 16.68 -29.40
C LYS A 495 5.05 17.05 -28.92
N LEU A 496 4.90 17.10 -27.60
CA LEU A 496 3.68 17.57 -26.95
C LEU A 496 3.98 18.91 -26.28
N ILE A 497 3.42 19.98 -26.83
CA ILE A 497 3.67 21.33 -26.36
C ILE A 497 2.38 21.88 -25.76
N SER A 498 2.45 22.33 -24.51
CA SER A 498 1.30 22.94 -23.87
C SER A 498 1.02 24.31 -24.49
N ALA A 499 -0.16 24.47 -25.07
CA ALA A 499 -0.54 25.73 -25.68
C ALA A 499 -0.70 26.81 -24.63
N GLU A 500 0.39 27.21 -23.99
CA GLU A 500 0.37 28.21 -22.93
C GLU A 500 1.78 28.69 -22.60
N ARG A 522 -29.84 49.38 -25.63
CA ARG A 522 -29.04 48.79 -24.58
C ARG A 522 -28.17 49.84 -23.88
N LEU A 523 -27.24 49.39 -23.05
CA LEU A 523 -26.37 50.31 -22.33
C LEU A 523 -25.38 50.97 -23.28
N SER A 524 -25.22 52.28 -23.15
CA SER A 524 -24.39 53.04 -24.08
C SER A 524 -22.92 52.81 -23.76
N SER A 525 -22.05 53.46 -24.55
CA SER A 525 -20.61 53.28 -24.38
C SER A 525 -20.11 53.93 -23.11
N GLU A 526 -20.80 54.96 -22.61
CA GLU A 526 -20.40 55.63 -21.39
C GLU A 526 -21.17 55.16 -20.16
N GLN A 527 -22.42 54.72 -20.33
CA GLN A 527 -23.15 54.14 -19.21
C GLN A 527 -22.47 52.88 -18.71
N ALA A 528 -21.80 52.14 -19.59
CA ALA A 528 -21.07 50.95 -19.17
C ALA A 528 -19.81 51.33 -18.40
N GLU A 529 -19.06 52.32 -18.88
CA GLU A 529 -17.84 52.73 -18.21
C GLU A 529 -18.12 53.24 -16.80
N ASP A 530 -19.20 54.01 -16.63
CA ASP A 530 -19.59 54.44 -15.31
C ASP A 530 -19.95 53.25 -14.43
N LEU A 531 -20.55 52.21 -15.01
CA LEU A 531 -20.83 51.00 -14.27
C LEU A 531 -19.56 50.19 -14.04
N LEU A 532 -18.63 50.20 -15.00
CA LEU A 532 -17.36 49.50 -14.83
C LEU A 532 -16.57 50.11 -13.67
N ALA A 533 -16.44 51.44 -13.64
CA ALA A 533 -15.70 52.10 -12.57
C ALA A 533 -16.36 51.87 -11.21
N TRP A 534 -17.66 51.59 -11.17
CA TRP A 534 -18.32 51.29 -9.91
C TRP A 534 -18.13 49.85 -9.47
N MET A 535 -17.95 48.93 -10.43
CA MET A 535 -17.74 47.53 -10.09
C MET A 535 -16.31 47.25 -9.66
N ARG A 536 -15.34 48.00 -10.19
CA ARG A 536 -13.96 47.80 -9.79
C ARG A 536 -13.72 48.21 -8.35
N ASN A 537 -14.49 49.18 -7.84
CA ASN A 537 -14.28 49.68 -6.48
C ASN A 537 -14.92 48.79 -5.44
N ALA A 538 -16.01 48.10 -5.78
CA ALA A 538 -16.64 47.16 -4.86
C ALA A 538 -16.06 45.76 -4.95
N LEU A 539 -15.19 45.50 -5.91
CA LEU A 539 -14.50 44.23 -6.09
C LEU A 539 -13.00 44.44 -6.24
N VAL A 540 -12.43 45.17 -5.28
CA VAL A 540 -11.01 45.54 -5.38
C VAL A 540 -10.12 44.31 -5.24
N GLN A 541 -10.29 43.57 -4.15
CA GLN A 541 -9.43 42.41 -3.90
C GLN A 541 -10.18 41.11 -4.14
N ARG A 542 -10.85 41.01 -5.29
CA ARG A 542 -11.53 39.77 -5.69
C ARG A 542 -11.12 39.39 -7.10
N VAL A 543 -11.25 40.32 -8.04
CA VAL A 543 -10.82 40.13 -9.42
C VAL A 543 -9.75 41.15 -9.74
N THR A 544 -9.01 40.89 -10.82
CA THR A 544 -7.93 41.77 -11.26
C THR A 544 -8.27 42.52 -12.55
N ASN A 545 -9.38 42.20 -13.20
CA ASN A 545 -9.75 42.87 -14.44
C ASN A 545 -11.24 42.69 -14.67
N ILE A 546 -11.92 43.77 -15.04
CA ILE A 546 -13.35 43.77 -15.33
C ILE A 546 -13.52 44.25 -16.77
N LYS A 547 -13.99 43.35 -17.63
CA LYS A 547 -14.09 43.62 -19.06
C LYS A 547 -15.55 43.63 -19.49
N VAL A 548 -15.77 43.99 -20.75
CA VAL A 548 -17.08 43.97 -21.38
C VAL A 548 -16.96 43.25 -22.72
N THR A 549 -17.67 42.14 -22.86
CA THR A 549 -17.62 41.32 -24.07
C THR A 549 -19.02 41.06 -24.58
N PRO A 550 -19.18 40.89 -25.89
CA PRO A 550 -20.52 40.62 -26.45
C PRO A 550 -20.98 39.18 -26.30
N ARG A 551 -20.08 38.25 -25.95
CA ARG A 551 -20.44 36.83 -25.88
C ARG A 551 -20.94 36.52 -24.47
N LEU A 552 -22.23 36.80 -24.24
CA LEU A 552 -22.86 36.47 -22.98
C LEU A 552 -24.36 36.20 -23.16
N ASP A 553 -25.07 37.19 -23.70
CA ASP A 553 -26.48 37.08 -24.03
C ASP A 553 -27.33 36.75 -22.81
N THR A 554 -27.52 35.46 -22.52
CA THR A 554 -28.39 35.06 -21.42
C THR A 554 -27.70 35.21 -20.07
N HIS A 555 -26.43 34.85 -19.97
CA HIS A 555 -25.70 35.01 -18.72
C HIS A 555 -25.22 36.45 -18.59
N PRO A 556 -25.51 37.13 -17.48
CA PRO A 556 -25.05 38.52 -17.33
C PRO A 556 -23.55 38.66 -17.10
N ALA A 557 -22.84 37.57 -16.82
CA ALA A 557 -21.41 37.64 -16.57
C ALA A 557 -20.82 36.25 -16.72
N MET A 558 -19.49 36.20 -16.77
CA MET A 558 -18.74 34.95 -16.75
C MET A 558 -17.34 35.23 -16.24
N ILE A 559 -16.66 34.17 -15.83
CA ILE A 559 -15.32 34.25 -15.25
C ILE A 559 -14.34 33.56 -16.21
N THR A 560 -13.34 34.30 -16.66
CA THR A 560 -12.28 33.77 -17.50
C THR A 560 -10.94 33.95 -16.81
N VAL A 561 -10.08 32.94 -16.92
CA VAL A 561 -8.78 32.93 -16.25
C VAL A 561 -7.69 32.78 -17.30
N LEU A 562 -6.60 33.52 -17.12
CA LEU A 562 -5.45 33.47 -18.04
C LEU A 562 -4.74 32.13 -17.93
N GLU A 563 -4.07 31.89 -16.80
CA GLU A 563 -3.30 30.67 -16.60
C GLU A 563 -4.17 29.61 -15.95
N MET A 564 -4.16 28.40 -16.52
CA MET A 564 -4.93 27.30 -15.95
C MET A 564 -4.21 26.64 -14.78
N GLY A 565 -2.89 26.80 -14.68
CA GLY A 565 -2.19 26.34 -13.51
C GLY A 565 -2.57 27.11 -12.26
N ALA A 566 -2.87 28.40 -12.40
CA ALA A 566 -3.39 29.19 -11.30
C ALA A 566 -4.84 28.88 -10.98
N ALA A 567 -5.60 28.36 -11.94
CA ALA A 567 -6.97 27.97 -11.67
C ALA A 567 -7.04 26.69 -10.85
N ARG A 568 -6.08 25.78 -11.03
CA ARG A 568 -6.02 24.59 -10.17
C ARG A 568 -5.53 24.93 -8.78
N HIS A 569 -4.61 25.90 -8.66
CA HIS A 569 -4.13 26.30 -7.33
C HIS A 569 -5.24 26.96 -6.53
N PHE A 570 -6.20 27.61 -7.19
CA PHE A 570 -7.35 28.16 -6.49
C PHE A 570 -8.32 27.06 -6.08
N LEU A 571 -8.55 26.09 -6.96
CA LEU A 571 -9.38 24.94 -6.64
C LEU A 571 -8.69 23.95 -5.72
N ARG A 572 -7.45 24.21 -5.33
CA ARG A 572 -6.71 23.32 -4.45
C ARG A 572 -7.24 23.38 -3.03
N LEU A 587 -5.08 33.46 -7.71
CA LEU A 587 -6.01 33.51 -8.84
C LEU A 587 -6.28 34.94 -9.28
N GLN A 588 -6.25 35.16 -10.59
CA GLN A 588 -6.54 36.47 -11.19
C GLN A 588 -7.66 36.30 -12.20
N PRO A 589 -8.93 36.32 -11.76
CA PRO A 589 -10.03 36.16 -12.70
C PRO A 589 -10.20 37.36 -13.61
N THR A 590 -11.11 37.27 -14.59
CA THR A 590 -11.41 38.37 -15.50
C THR A 590 -12.92 38.38 -15.71
N LEU A 591 -13.60 39.25 -14.97
CA LEU A 591 -15.06 39.34 -15.05
C LEU A 591 -15.46 40.08 -16.32
N GLU A 592 -16.31 39.46 -17.13
CA GLU A 592 -16.78 40.05 -18.38
C GLU A 592 -18.28 40.28 -18.29
N ILE A 593 -18.72 41.47 -18.73
CA ILE A 593 -20.07 41.94 -18.51
C ILE A 593 -20.76 42.18 -19.84
N ASN A 594 -22.04 41.80 -19.93
CA ASN A 594 -22.87 42.06 -21.10
C ASN A 594 -23.69 43.31 -20.85
N THR A 595 -23.42 44.36 -21.62
CA THR A 595 -24.17 45.61 -21.48
C THR A 595 -25.58 45.51 -22.03
N GLY A 596 -26.01 44.34 -22.52
CA GLY A 596 -27.35 44.15 -23.03
C GLY A 596 -28.23 43.24 -22.21
N HIS A 597 -27.82 42.88 -20.99
CA HIS A 597 -28.63 42.02 -20.13
C HIS A 597 -29.50 42.84 -19.20
N ASP A 598 -30.55 42.21 -18.68
CA ASP A 598 -31.50 42.92 -17.82
C ASP A 598 -30.90 43.21 -16.45
N LEU A 599 -30.21 42.24 -15.86
CA LEU A 599 -29.62 42.46 -14.54
C LEU A 599 -28.49 43.49 -14.59
N ILE A 600 -27.77 43.57 -15.70
CA ILE A 600 -26.69 44.54 -15.81
C ILE A 600 -27.25 45.95 -15.90
N LYS A 601 -28.29 46.14 -16.72
CA LYS A 601 -28.90 47.47 -16.82
C LYS A 601 -29.62 47.84 -15.53
N LYS A 602 -30.07 46.85 -14.75
CA LYS A 602 -30.62 47.15 -13.42
C LYS A 602 -29.52 47.48 -12.43
N LEU A 603 -28.33 46.88 -12.59
CA LEU A 603 -27.21 47.21 -11.73
C LEU A 603 -26.71 48.63 -11.98
N HIS A 604 -26.75 49.07 -13.25
CA HIS A 604 -26.34 50.42 -13.58
C HIS A 604 -27.33 51.46 -13.03
N ALA A 605 -28.60 51.09 -12.94
CA ALA A 605 -29.63 52.00 -12.43
C ALA A 605 -29.76 51.99 -10.91
N LEU A 606 -29.24 50.96 -10.25
CA LEU A 606 -29.36 50.85 -8.80
C LEU A 606 -28.06 51.21 -8.07
N LYS A 607 -26.97 51.46 -8.78
CA LYS A 607 -25.72 51.82 -8.12
C LYS A 607 -25.77 53.22 -7.52
N ASP A 608 -26.70 54.06 -7.96
CA ASP A 608 -26.87 55.40 -7.43
C ASP A 608 -28.21 55.62 -6.74
N SER A 609 -29.25 54.86 -7.10
CA SER A 609 -30.55 55.02 -6.46
C SER A 609 -30.61 54.26 -5.14
N ASN A 610 -30.23 52.99 -5.16
CA ASN A 610 -30.21 52.14 -3.96
C ASN A 610 -28.88 51.43 -3.91
N PRO A 611 -27.82 52.11 -3.45
CA PRO A 611 -26.49 51.48 -3.44
C PRO A 611 -26.40 50.25 -2.56
N GLU A 612 -27.17 50.19 -1.47
CA GLU A 612 -27.13 49.03 -0.59
C GLU A 612 -27.81 47.81 -1.20
N LEU A 613 -28.75 48.01 -2.14
CA LEU A 613 -29.39 46.91 -2.85
C LEU A 613 -28.56 46.44 -4.04
N ALA A 614 -27.96 47.37 -4.78
CA ALA A 614 -27.09 47.00 -5.90
C ALA A 614 -25.81 46.32 -5.42
N GLN A 615 -25.45 46.50 -4.15
CA GLN A 615 -24.24 45.85 -3.63
C GLN A 615 -24.45 44.34 -3.52
N LEU A 616 -25.66 43.91 -3.16
CA LEU A 616 -25.94 42.48 -3.08
C LEU A 616 -26.06 41.87 -4.47
N LEU A 617 -26.64 42.61 -5.41
CA LEU A 617 -26.78 42.09 -6.78
C LEU A 617 -25.42 41.92 -7.43
N LEU A 618 -24.51 42.88 -7.25
CA LEU A 618 -23.16 42.75 -7.80
C LEU A 618 -22.44 41.55 -7.20
N GLU A 619 -22.57 41.35 -5.89
CA GLU A 619 -21.93 40.21 -5.25
C GLU A 619 -22.54 38.90 -5.70
N GLN A 620 -23.81 38.91 -6.11
CA GLN A 620 -24.46 37.69 -6.56
C GLN A 620 -24.13 37.38 -8.01
N ILE A 621 -24.07 38.40 -8.87
CA ILE A 621 -23.71 38.19 -10.27
C ILE A 621 -22.29 37.67 -10.38
N TYR A 622 -21.39 38.17 -9.53
CA TYR A 622 -20.03 37.64 -9.50
C TYR A 622 -20.01 36.20 -9.01
N ASP A 623 -20.78 35.89 -7.97
CA ASP A 623 -20.84 34.52 -7.49
C ASP A 623 -21.52 33.60 -8.50
N ASN A 624 -22.53 34.10 -9.20
CA ASN A 624 -23.17 33.30 -10.24
C ASN A 624 -22.22 32.99 -11.37
N ALA A 625 -21.35 33.94 -11.72
CA ALA A 625 -20.35 33.68 -12.75
C ALA A 625 -19.28 32.72 -12.26
N MET A 626 -18.94 32.77 -10.96
CA MET A 626 -17.97 31.83 -10.43
C MET A 626 -18.52 30.40 -10.43
N ILE A 627 -19.79 30.23 -10.09
CA ILE A 627 -20.40 28.90 -10.09
C ILE A 627 -20.50 28.36 -11.52
N ALA A 628 -20.97 29.20 -12.44
CA ALA A 628 -21.11 28.78 -13.84
C ALA A 628 -19.77 28.47 -14.47
N ALA A 629 -18.67 28.98 -13.92
CA ALA A 629 -17.34 28.70 -14.43
C ALA A 629 -16.67 27.54 -13.72
N GLY A 630 -17.34 26.90 -12.77
CA GLY A 630 -16.79 25.78 -12.04
C GLY A 630 -15.80 26.15 -10.95
N LEU A 631 -15.48 27.44 -10.77
CA LEU A 631 -14.54 27.83 -9.73
C LEU A 631 -15.12 27.64 -8.34
N ASN A 632 -16.44 27.79 -8.19
CA ASN A 632 -17.12 27.63 -6.92
C ASN A 632 -18.10 26.46 -7.04
N GLU A 633 -17.79 25.37 -6.35
CA GLU A 633 -18.62 24.17 -6.39
C GLU A 633 -19.47 24.00 -5.12
N ASP A 634 -19.15 24.72 -4.05
CA ASP A 634 -19.90 24.67 -2.80
C ASP A 634 -20.39 26.08 -2.49
N PRO A 635 -21.56 26.46 -2.99
CA PRO A 635 -22.03 27.84 -2.79
C PRO A 635 -22.77 28.04 -1.47
N ARG A 636 -22.23 27.48 -0.39
CA ARG A 636 -22.83 27.63 0.93
C ARG A 636 -22.56 29.01 1.53
N PRO A 637 -21.37 29.61 1.39
CA PRO A 637 -21.18 30.97 1.91
C PRO A 637 -22.11 32.01 1.32
N MET A 638 -22.65 31.78 0.13
CA MET A 638 -23.51 32.78 -0.51
C MET A 638 -24.98 32.64 -0.14
N ILE A 639 -25.36 31.56 0.54
CA ILE A 639 -26.78 31.32 0.83
C ILE A 639 -27.33 32.39 1.78
N SER A 640 -26.56 32.74 2.81
CA SER A 640 -27.03 33.73 3.77
C SER A 640 -27.20 35.10 3.11
N ARG A 641 -26.27 35.46 2.21
CA ARG A 641 -26.37 36.74 1.53
C ARG A 641 -27.42 36.73 0.43
N LEU A 642 -27.64 35.58 -0.21
CA LEU A 642 -28.64 35.50 -1.28
C LEU A 642 -30.05 35.67 -0.74
N ASN A 643 -30.33 35.10 0.43
CA ASN A 643 -31.65 35.27 1.03
C ASN A 643 -31.91 36.73 1.40
N GLN A 644 -30.88 37.48 1.75
CA GLN A 644 -31.04 38.90 2.02
C GLN A 644 -31.35 39.67 0.75
N LEU A 645 -30.82 39.22 -0.40
CA LEU A 645 -31.08 39.91 -1.66
C LEU A 645 -32.51 39.67 -2.13
N LEU A 646 -33.04 38.45 -1.91
CA LEU A 646 -34.40 38.16 -2.36
C LEU A 646 -35.42 38.98 -1.58
N THR A 647 -35.24 39.11 -0.27
CA THR A 647 -36.20 39.85 0.54
C THR A 647 -36.19 41.33 0.18
N ARG A 648 -35.00 41.92 0.01
CA ARG A 648 -34.92 43.32 -0.37
C ARG A 648 -35.38 43.57 -1.81
N ALA A 649 -35.44 42.52 -2.63
CA ALA A 649 -35.94 42.63 -4.00
C ALA A 649 -37.41 42.28 -4.11
N LEU A 650 -38.07 41.92 -3.01
CA LEU A 650 -39.48 41.58 -3.01
C LEU A 650 -40.26 42.48 -2.05
N GLU A 651 -39.80 43.71 -1.86
CA GLU A 651 -40.47 44.66 -0.98
C GLU A 651 -41.77 45.15 -1.59
N THR B 19 -21.31 -40.23 7.27
CA THR B 19 -21.28 -38.81 6.98
C THR B 19 -19.85 -38.27 7.00
N LEU B 20 -18.95 -39.02 7.62
CA LEU B 20 -17.54 -38.67 7.69
C LEU B 20 -16.70 -39.76 7.04
N HIS B 21 -15.47 -39.40 6.65
CA HIS B 21 -14.56 -40.31 5.95
C HIS B 21 -13.15 -40.05 6.48
N ASN B 22 -12.73 -40.84 7.46
CA ASN B 22 -11.41 -40.73 8.07
C ASN B 22 -10.68 -42.05 7.97
N ILE B 23 -9.39 -41.99 7.69
CA ILE B 23 -8.59 -43.18 7.43
C ILE B 23 -7.67 -43.42 8.61
N ILE B 24 -7.20 -42.34 9.22
CA ILE B 24 -6.22 -42.44 10.30
C ILE B 24 -6.84 -43.15 11.50
N THR B 25 -6.25 -44.28 11.88
CA THR B 25 -6.67 -45.04 13.05
C THR B 25 -5.44 -45.55 13.79
N ASP B 26 -5.53 -45.58 15.11
CA ASP B 26 -4.43 -46.08 15.93
C ASP B 26 -4.31 -47.58 15.81
N THR B 27 -3.45 -48.04 14.89
CA THR B 27 -3.33 -49.46 14.58
C THR B 27 -1.90 -49.97 14.49
N GLU B 28 -0.91 -49.11 14.29
CA GLU B 28 0.46 -49.56 14.08
C GLU B 28 1.10 -49.98 15.40
N ASN B 29 1.93 -51.02 15.34
CA ASN B 29 2.67 -51.50 16.50
C ASN B 29 4.08 -51.86 16.08
N VAL B 30 5.04 -51.60 16.95
CA VAL B 30 6.45 -51.84 16.64
C VAL B 30 6.75 -53.33 16.72
N GLN B 31 7.34 -53.86 15.66
CA GLN B 31 7.74 -55.26 15.59
C GLN B 31 9.26 -55.35 15.57
N GLY B 32 9.82 -56.11 16.50
CA GLY B 32 11.27 -56.27 16.58
C GLY B 32 11.94 -55.02 17.11
N SER B 33 13.26 -55.12 17.26
CA SER B 33 14.05 -54.01 17.77
C SER B 33 14.24 -52.94 16.70
N PHE B 34 14.83 -51.82 17.12
CA PHE B 34 15.06 -50.68 16.25
C PHE B 34 16.55 -50.54 15.94
N SER B 35 16.84 -49.80 14.88
CA SER B 35 18.21 -49.52 14.45
C SER B 35 18.44 -48.02 14.51
N LYS B 36 19.54 -47.62 15.16
CA LYS B 36 19.88 -46.21 15.31
C LYS B 36 20.69 -45.73 14.12
N HIS B 37 20.42 -44.50 13.70
CA HIS B 37 21.12 -43.88 12.59
C HIS B 37 21.43 -42.43 12.94
N GLU B 38 22.27 -41.82 12.10
CA GLU B 38 22.59 -40.40 12.21
C GLU B 38 22.16 -39.69 10.94
N PHE B 39 21.67 -38.46 11.10
CA PHE B 39 21.32 -37.65 9.94
C PHE B 39 22.58 -37.31 9.15
N GLN B 40 22.46 -37.31 7.82
CA GLN B 40 23.54 -36.94 6.93
C GLN B 40 23.11 -35.80 6.04
N ALA B 41 24.05 -35.30 5.24
CA ALA B 41 23.79 -34.16 4.37
C ALA B 41 24.47 -34.38 3.03
N GLU B 42 23.78 -33.96 1.96
CA GLU B 42 24.32 -34.04 0.60
C GLU B 42 25.07 -32.74 0.34
N THR B 43 26.39 -32.78 0.54
CA THR B 43 27.18 -31.54 0.52
C THR B 43 27.24 -30.94 -0.88
N LYS B 44 27.34 -31.78 -1.91
CA LYS B 44 27.45 -31.27 -3.28
C LYS B 44 26.22 -30.45 -3.67
N LYS B 45 25.05 -30.82 -3.18
CA LYS B 45 23.83 -30.08 -3.47
C LYS B 45 23.53 -29.00 -2.45
N LEU B 46 24.16 -29.04 -1.28
CA LEU B 46 24.00 -27.96 -0.31
C LEU B 46 24.63 -26.68 -0.83
N LEU B 47 25.85 -26.77 -1.36
CA LEU B 47 26.49 -25.60 -1.96
C LEU B 47 25.71 -25.11 -3.17
N ASP B 48 25.06 -26.02 -3.90
CA ASP B 48 24.24 -25.62 -5.04
C ASP B 48 23.01 -24.84 -4.58
N ILE B 49 22.43 -25.22 -3.43
CA ILE B 49 21.28 -24.50 -2.91
C ILE B 49 21.68 -23.10 -2.46
N VAL B 50 22.85 -22.99 -1.81
CA VAL B 50 23.30 -21.68 -1.33
C VAL B 50 23.65 -20.77 -2.50
N ALA B 51 24.36 -21.30 -3.50
CA ALA B 51 24.82 -20.49 -4.62
C ALA B 51 23.73 -20.20 -5.65
N ARG B 52 22.55 -20.76 -5.50
CA ARG B 52 21.51 -20.57 -6.51
C ARG B 52 20.14 -20.26 -5.93
N SER B 53 19.75 -20.91 -4.84
CA SER B 53 18.36 -20.85 -4.37
C SER B 53 18.25 -20.37 -2.93
N LEU B 54 19.28 -19.71 -2.39
CA LEU B 54 19.23 -19.23 -1.01
C LEU B 54 18.95 -17.73 -0.93
N TYR B 55 19.78 -16.91 -1.56
CA TYR B 55 19.64 -15.46 -1.51
C TYR B 55 18.87 -14.99 -2.74
N SER B 56 17.84 -14.18 -2.51
CA SER B 56 16.98 -13.74 -3.60
C SER B 56 17.70 -12.78 -4.54
N GLU B 57 18.70 -12.06 -4.03
CA GLU B 57 19.44 -11.09 -4.83
C GLU B 57 20.93 -11.40 -4.77
N LYS B 58 21.60 -11.29 -5.91
CA LYS B 58 23.00 -11.65 -6.01
C LYS B 58 23.89 -10.66 -5.26
N GLU B 59 23.47 -9.40 -5.16
CA GLU B 59 24.33 -8.35 -4.62
C GLU B 59 24.70 -8.58 -3.16
N VAL B 60 23.95 -9.42 -2.43
CA VAL B 60 24.17 -9.58 -1.00
C VAL B 60 25.47 -10.30 -0.66
N PHE B 61 26.21 -10.79 -1.66
CA PHE B 61 27.49 -11.41 -1.37
C PHE B 61 28.49 -10.39 -0.84
N ILE B 62 28.35 -9.13 -1.24
CA ILE B 62 29.20 -8.08 -0.69
C ILE B 62 28.87 -7.85 0.78
N ARG B 63 27.59 -7.91 1.14
CA ARG B 63 27.19 -7.72 2.52
C ARG B 63 27.73 -8.81 3.42
N GLU B 64 27.71 -10.06 2.94
CA GLU B 64 28.16 -11.17 3.77
C GLU B 64 29.67 -11.14 3.99
N LEU B 65 30.44 -10.82 2.95
CA LEU B 65 31.88 -10.76 3.10
C LEU B 65 32.32 -9.59 3.98
N ILE B 66 31.61 -8.46 3.90
CA ILE B 66 31.92 -7.34 4.77
C ILE B 66 31.60 -7.67 6.22
N SER B 67 30.46 -8.32 6.46
CA SER B 67 30.10 -8.72 7.82
C SER B 67 31.05 -9.76 8.38
N ASN B 68 31.66 -10.57 7.52
CA ASN B 68 32.67 -11.52 7.98
C ASN B 68 33.96 -10.81 8.35
N GLY B 69 34.26 -9.69 7.69
CA GLY B 69 35.42 -8.90 8.07
C GLY B 69 35.19 -8.11 9.35
N SER B 70 33.96 -7.64 9.57
CA SER B 70 33.63 -6.96 10.82
C SER B 70 33.71 -7.91 12.00
N ASP B 71 33.36 -9.19 11.80
CA ASP B 71 33.53 -10.17 12.86
C ASP B 71 35.00 -10.42 13.15
N ALA B 72 35.81 -10.55 12.10
CA ALA B 72 37.24 -10.77 12.30
C ALA B 72 37.91 -9.56 12.94
N LEU B 73 37.44 -8.35 12.62
CA LEU B 73 38.01 -7.16 13.26
C LEU B 73 37.55 -7.04 14.71
N GLU B 74 36.34 -7.49 15.03
CA GLU B 74 35.89 -7.47 16.42
C GLU B 74 36.60 -8.52 17.26
N LYS B 75 36.96 -9.65 16.65
CA LYS B 75 37.75 -10.64 17.37
C LYS B 75 39.14 -10.13 17.69
N LEU B 76 39.65 -9.21 16.88
CA LEU B 76 40.93 -8.58 17.17
C LEU B 76 40.78 -7.41 18.14
N ARG B 77 39.66 -6.68 18.05
CA ARG B 77 39.39 -5.61 19.01
C ARG B 77 39.31 -6.16 20.43
N HIS B 78 38.60 -7.28 20.61
CA HIS B 78 38.58 -7.95 21.90
C HIS B 78 39.94 -8.56 22.23
N ARG B 79 40.77 -8.85 21.23
CA ARG B 79 42.06 -9.46 21.48
C ARG B 79 43.13 -8.43 21.80
N MET B 80 43.01 -7.22 21.24
CA MET B 80 43.99 -6.17 21.53
C MET B 80 43.99 -5.74 22.98
N ILE B 81 42.97 -6.11 23.76
CA ILE B 81 42.93 -5.84 25.18
C ILE B 81 43.19 -7.13 25.95
N THR B 82 44.43 -7.61 25.90
CA THR B 82 44.80 -8.86 26.54
C THR B 82 44.65 -8.77 28.06
N THR B 87 46.23 -1.79 18.36
CA THR B 87 47.15 -0.75 17.91
C THR B 87 47.30 -0.76 16.39
N ALA B 88 47.24 -1.96 15.82
CA ALA B 88 47.35 -2.11 14.38
C ALA B 88 46.13 -1.52 13.68
N PRO B 89 46.26 -1.13 12.42
CA PRO B 89 45.10 -0.60 11.69
C PRO B 89 44.00 -1.65 11.56
N MET B 90 42.76 -1.21 11.77
CA MET B 90 41.58 -2.05 11.64
C MET B 90 40.67 -1.44 10.59
N GLU B 91 40.63 -2.05 9.41
CA GLU B 91 39.87 -1.50 8.30
C GLU B 91 39.60 -2.60 7.28
N ILE B 92 38.64 -2.34 6.40
CA ILE B 92 38.25 -3.25 5.34
C ILE B 92 38.48 -2.55 4.01
N HIS B 93 39.04 -3.27 3.04
CA HIS B 93 39.36 -2.71 1.73
C HIS B 93 38.68 -3.52 0.65
N LEU B 94 38.06 -2.81 -0.30
CA LEU B 94 37.41 -3.41 -1.45
C LEU B 94 38.09 -2.90 -2.72
N GLN B 95 38.27 -3.80 -3.70
CA GLN B 95 38.90 -3.43 -4.95
C GLN B 95 38.15 -4.07 -6.10
N THR B 96 37.91 -3.28 -7.15
CA THR B 96 37.18 -3.73 -8.33
C THR B 96 38.09 -3.61 -9.55
N ASP B 97 38.25 -4.72 -10.27
CA ASP B 97 39.06 -4.77 -11.48
C ASP B 97 38.13 -5.13 -12.64
N SER B 98 37.61 -4.11 -13.33
CA SER B 98 36.73 -4.34 -14.46
C SER B 98 37.45 -4.97 -15.64
N VAL B 99 38.77 -4.84 -15.71
CA VAL B 99 39.54 -5.45 -16.80
C VAL B 99 39.67 -6.95 -16.59
N LYS B 100 39.98 -7.37 -15.36
CA LYS B 100 40.15 -8.78 -15.04
C LYS B 100 38.90 -9.41 -14.44
N GLY B 101 37.83 -8.64 -14.27
CA GLY B 101 36.60 -9.15 -13.68
C GLY B 101 36.81 -9.76 -12.31
N THR B 102 37.28 -8.95 -11.37
CA THR B 102 37.69 -9.45 -10.07
C THR B 102 37.22 -8.52 -8.96
N PHE B 103 36.55 -9.09 -7.96
CA PHE B 103 36.19 -8.39 -6.74
C PHE B 103 37.07 -8.90 -5.60
N THR B 104 37.75 -7.98 -4.92
CA THR B 104 38.70 -8.34 -3.87
C THR B 104 38.34 -7.61 -2.58
N ILE B 105 38.25 -8.36 -1.49
CA ILE B 105 37.99 -7.81 -0.17
C ILE B 105 39.08 -8.28 0.78
N GLN B 106 39.65 -7.35 1.55
CA GLN B 106 40.70 -7.68 2.50
C GLN B 106 40.47 -6.91 3.79
N ASP B 107 40.44 -7.65 4.89
CA ASP B 107 40.35 -7.07 6.23
C ASP B 107 41.62 -7.35 7.00
N THR B 108 41.90 -6.50 7.99
CA THR B 108 43.06 -6.64 8.86
C THR B 108 42.69 -7.21 10.22
N GLY B 109 41.84 -8.23 10.24
CA GLY B 109 41.35 -8.82 11.47
C GLY B 109 42.25 -9.89 12.03
N VAL B 110 41.64 -10.83 12.75
CA VAL B 110 42.41 -11.90 13.40
C VAL B 110 43.02 -12.84 12.37
N GLY B 111 42.32 -13.07 11.26
CA GLY B 111 42.78 -14.03 10.28
C GLY B 111 42.57 -15.46 10.73
N MET B 112 42.86 -16.41 9.85
CA MET B 112 42.63 -17.83 10.13
C MET B 112 43.90 -18.62 9.86
N ASN B 113 44.21 -19.54 10.76
CA ASN B 113 45.34 -20.44 10.56
C ASN B 113 44.90 -21.58 9.65
N LYS B 114 45.74 -22.61 9.52
CA LYS B 114 45.40 -23.73 8.65
C LYS B 114 44.17 -24.48 9.16
N GLU B 115 44.11 -24.72 10.47
CA GLU B 115 42.98 -25.44 11.04
C GLU B 115 41.68 -24.67 10.86
N ASP B 116 41.72 -23.35 11.04
CA ASP B 116 40.52 -22.54 10.90
C ASP B 116 40.06 -22.47 9.44
N LEU B 117 41.00 -22.51 8.50
CA LEU B 117 40.62 -22.47 7.09
C LEU B 117 39.89 -23.73 6.66
N VAL B 118 40.21 -24.87 7.26
CA VAL B 118 39.58 -26.14 6.91
C VAL B 118 38.27 -26.34 7.67
N SER B 119 38.24 -25.97 8.96
CA SER B 119 37.06 -26.23 9.77
C SER B 119 35.98 -25.16 9.58
N ASN B 120 36.37 -23.88 9.55
CA ASN B 120 35.39 -22.82 9.47
C ASN B 120 34.86 -22.65 8.04
N LEU B 121 35.75 -22.61 7.06
CA LEU B 121 35.34 -22.38 5.67
C LEU B 121 34.94 -23.68 4.97
N GLY B 122 35.69 -24.75 5.17
CA GLY B 122 35.44 -26.01 4.49
C GLY B 122 34.33 -26.86 5.07
N THR B 123 33.53 -26.32 6.00
CA THR B 123 32.42 -27.05 6.60
C THR B 123 31.19 -26.17 6.61
N ILE B 124 30.15 -26.61 5.91
CA ILE B 124 28.90 -25.86 5.87
C ILE B 124 28.24 -25.89 7.25
N ALA B 125 27.57 -24.79 7.59
CA ALA B 125 26.89 -24.56 8.86
C ALA B 125 27.84 -24.44 10.05
N ARG B 126 29.15 -24.55 9.83
CA ARG B 126 30.12 -24.36 10.90
C ARG B 126 30.50 -22.88 10.98
N SER B 127 30.36 -22.31 12.18
CA SER B 127 30.59 -20.88 12.39
C SER B 127 31.59 -20.71 13.53
N GLY B 128 32.80 -20.24 13.20
CA GLY B 128 33.75 -19.88 14.23
C GLY B 128 33.33 -18.70 15.07
N SER B 129 32.40 -17.89 14.58
CA SER B 129 31.85 -16.76 15.33
C SER B 129 30.84 -17.20 16.38
N LYS B 130 30.72 -18.49 16.63
CA LYS B 130 29.88 -19.03 17.70
C LYS B 130 30.68 -19.59 18.87
N ALA B 131 31.75 -20.35 18.57
CA ALA B 131 32.63 -20.84 19.64
C ALA B 131 33.45 -19.71 20.25
N PHE B 132 33.53 -18.56 19.58
CA PHE B 132 34.22 -17.40 20.12
C PHE B 132 33.50 -16.79 21.32
N LEU B 133 32.25 -17.17 21.57
CA LEU B 133 31.38 -16.62 22.61
C LEU B 133 32.10 -16.17 23.87
N ASP B 134 32.21 -17.05 24.86
CA ASP B 134 32.86 -16.73 26.12
C ASP B 134 33.33 -17.99 26.84
N SER B 143 31.24 -8.63 21.90
CA SER B 143 29.97 -8.93 22.54
C SER B 143 28.83 -9.00 21.54
N SER B 144 27.96 -8.01 21.57
CA SER B 144 26.80 -8.01 20.69
C SER B 144 27.12 -7.28 19.39
N SER B 145 28.36 -7.40 18.93
CA SER B 145 28.80 -6.76 17.70
C SER B 145 29.23 -7.78 16.65
N ILE B 146 29.04 -9.07 16.91
CA ILE B 146 29.38 -10.12 15.96
C ILE B 146 28.15 -10.45 15.12
N ILE B 147 28.32 -10.44 13.80
CA ILE B 147 27.20 -10.69 12.90
C ILE B 147 27.10 -12.17 12.52
N GLY B 148 28.22 -12.90 12.53
CA GLY B 148 28.18 -14.30 12.16
C GLY B 148 27.30 -15.12 13.08
N GLN B 149 26.65 -16.12 12.50
CA GLN B 149 25.69 -16.92 13.26
C GLN B 149 25.55 -18.34 12.71
N PHE B 150 25.02 -18.48 11.50
CA PHE B 150 24.66 -19.79 10.98
C PHE B 150 25.87 -20.58 10.51
N GLY B 151 26.80 -19.93 9.81
CA GLY B 151 27.98 -20.60 9.30
C GLY B 151 28.00 -20.82 7.80
N VAL B 152 27.08 -20.22 7.04
CA VAL B 152 26.98 -20.42 5.61
C VAL B 152 27.10 -19.13 4.82
N GLY B 153 27.38 -18.00 5.48
CA GLY B 153 27.41 -16.73 4.78
C GLY B 153 28.56 -16.60 3.81
N PHE B 154 29.69 -17.25 4.11
CA PHE B 154 30.85 -17.16 3.24
C PHE B 154 30.58 -17.74 1.85
N TYR B 155 29.72 -18.75 1.77
CA TYR B 155 29.43 -19.41 0.50
C TYR B 155 28.55 -18.56 -0.42
N SER B 156 28.14 -17.37 0.01
CA SER B 156 27.37 -16.48 -0.85
C SER B 156 28.21 -15.92 -1.99
N ALA B 157 29.53 -16.08 -1.94
CA ALA B 157 30.38 -15.57 -3.01
C ALA B 157 30.25 -16.41 -4.28
N PHE B 158 29.90 -17.69 -4.15
CA PHE B 158 29.77 -18.55 -5.31
C PHE B 158 28.57 -18.21 -6.18
N MET B 159 27.69 -17.32 -5.71
CA MET B 159 26.61 -16.84 -6.57
C MET B 159 27.16 -16.08 -7.77
N VAL B 160 28.29 -15.40 -7.60
CA VAL B 160 28.79 -14.46 -8.59
C VAL B 160 30.21 -14.77 -9.05
N ALA B 161 30.87 -15.77 -8.44
CA ALA B 161 32.26 -16.04 -8.73
C ALA B 161 32.46 -17.49 -9.13
N ASP B 162 33.29 -17.71 -10.17
CA ASP B 162 33.67 -19.06 -10.57
C ASP B 162 34.81 -19.59 -9.73
N LYS B 163 35.65 -18.70 -9.19
CA LYS B 163 36.84 -19.07 -8.43
C LYS B 163 36.96 -18.17 -7.22
N VAL B 164 37.27 -18.76 -6.07
CA VAL B 164 37.40 -18.04 -4.81
C VAL B 164 38.78 -18.33 -4.24
N GLU B 165 39.60 -17.28 -4.10
CA GLU B 165 40.91 -17.38 -3.48
C GLU B 165 40.87 -16.66 -2.14
N VAL B 166 41.40 -17.32 -1.10
CA VAL B 166 41.41 -16.77 0.25
C VAL B 166 42.82 -16.88 0.80
N TYR B 167 43.42 -15.74 1.12
CA TYR B 167 44.73 -15.67 1.77
C TYR B 167 44.52 -15.17 3.18
N SER B 168 45.00 -15.94 4.16
CA SER B 168 44.79 -15.61 5.57
C SER B 168 46.08 -15.74 6.36
N GLN B 169 46.23 -14.87 7.35
CA GLN B 169 47.35 -14.90 8.28
C GLN B 169 46.79 -14.76 9.69
N SER B 170 47.23 -15.64 10.58
CA SER B 170 46.72 -15.66 11.96
C SER B 170 47.25 -14.43 12.70
N ALA B 171 46.98 -14.37 14.00
CA ALA B 171 47.49 -13.30 14.84
C ALA B 171 48.98 -13.52 15.07
N GLU B 172 49.59 -12.70 15.93
CA GLU B 172 50.97 -12.96 16.31
C GLU B 172 50.98 -14.29 17.05
N ALA B 173 51.63 -15.29 16.46
CA ALA B 173 51.52 -16.66 16.92
C ALA B 173 52.54 -17.51 16.17
N ASP B 174 52.35 -18.83 16.23
CA ASP B 174 53.22 -19.81 15.60
C ASP B 174 52.65 -20.32 14.29
N ALA B 175 52.20 -19.40 13.43
CA ALA B 175 51.48 -19.79 12.23
C ALA B 175 52.06 -19.10 11.01
N PRO B 176 52.13 -19.81 9.87
CA PRO B 176 52.52 -19.17 8.61
C PRO B 176 51.32 -18.74 7.79
N GLY B 177 51.55 -18.18 6.61
CA GLY B 177 50.46 -17.81 5.74
C GLY B 177 49.96 -18.97 4.90
N TYR B 178 48.73 -18.85 4.42
CA TYR B 178 48.10 -19.90 3.64
C TYR B 178 47.25 -19.30 2.53
N LYS B 179 46.98 -20.11 1.52
CA LYS B 179 46.13 -19.75 0.40
C LYS B 179 45.01 -20.78 0.27
N TRP B 180 43.77 -20.33 0.39
CA TRP B 180 42.61 -21.19 0.25
C TRP B 180 41.99 -20.99 -1.13
N SER B 181 41.83 -22.08 -1.87
CA SER B 181 41.40 -22.03 -3.26
C SER B 181 40.32 -23.07 -3.51
N SER B 182 39.33 -22.71 -4.33
CA SER B 182 38.23 -23.60 -4.65
C SER B 182 37.51 -23.07 -5.88
N ASP B 183 36.94 -24.00 -6.66
CA ASP B 183 36.09 -23.67 -7.79
C ASP B 183 34.61 -23.58 -7.43
N GLY B 184 34.24 -24.05 -6.24
CA GLY B 184 32.85 -24.09 -5.85
C GLY B 184 32.16 -25.42 -6.06
N SER B 185 32.88 -26.47 -6.45
CA SER B 185 32.32 -27.78 -6.72
C SER B 185 33.02 -28.81 -5.85
N GLY B 186 32.45 -29.08 -4.68
CA GLY B 186 32.92 -30.15 -3.79
C GLY B 186 34.27 -30.11 -3.09
N VAL B 187 35.32 -29.67 -3.79
CA VAL B 187 36.68 -29.78 -3.27
C VAL B 187 37.29 -28.39 -3.15
N PHE B 188 38.36 -28.32 -2.34
CA PHE B 188 39.15 -27.11 -2.20
C PHE B 188 40.56 -27.49 -1.79
N GLU B 189 41.51 -26.62 -2.09
CA GLU B 189 42.93 -26.86 -1.81
C GLU B 189 43.49 -25.75 -0.95
N VAL B 190 44.38 -26.11 -0.03
CA VAL B 190 45.02 -25.17 0.88
C VAL B 190 46.52 -25.35 0.79
N ALA B 191 47.23 -24.25 0.52
CA ALA B 191 48.68 -24.26 0.40
C ALA B 191 49.28 -23.12 1.22
N GLU B 192 50.50 -23.33 1.70
CA GLU B 192 51.21 -22.28 2.43
C GLU B 192 51.60 -21.15 1.46
N ALA B 193 51.56 -19.93 1.98
CA ALA B 193 51.89 -18.76 1.17
C ALA B 193 52.72 -17.79 1.98
N SER B 194 53.51 -16.98 1.28
CA SER B 194 54.31 -15.92 1.88
C SER B 194 53.78 -14.56 1.44
N GLY B 195 54.21 -13.53 2.16
CA GLY B 195 53.72 -12.19 1.89
C GLY B 195 52.26 -11.98 2.20
N VAL B 196 51.68 -12.78 3.10
CA VAL B 196 50.28 -12.65 3.48
C VAL B 196 50.19 -11.67 4.63
N ARG B 197 49.59 -10.51 4.39
CA ARG B 197 49.47 -9.48 5.41
C ARG B 197 48.52 -9.95 6.51
N GLN B 198 48.74 -9.42 7.72
CA GLN B 198 47.88 -9.67 8.87
C GLN B 198 46.42 -9.46 8.53
N GLY B 199 45.66 -10.56 8.44
CA GLY B 199 44.25 -10.48 8.09
C GLY B 199 43.82 -11.53 7.09
N THR B 200 42.84 -11.20 6.27
CA THR B 200 42.29 -12.15 5.30
C THR B 200 41.90 -11.40 4.03
N LYS B 201 42.35 -11.91 2.88
CA LYS B 201 42.01 -11.34 1.58
C LYS B 201 41.29 -12.39 0.75
N ILE B 202 40.11 -12.03 0.25
CA ILE B 202 39.30 -12.90 -0.60
C ILE B 202 39.23 -12.29 -1.99
N VAL B 203 39.57 -13.09 -3.00
CA VAL B 203 39.57 -12.66 -4.39
C VAL B 203 38.51 -13.44 -5.14
N LEU B 204 37.53 -12.74 -5.69
CA LEU B 204 36.42 -13.35 -6.41
C LEU B 204 36.59 -13.10 -7.90
N HIS B 205 36.84 -14.16 -8.66
CA HIS B 205 36.88 -14.07 -10.11
C HIS B 205 35.44 -14.14 -10.61
N LEU B 206 34.87 -12.98 -10.91
CA LEU B 206 33.45 -12.88 -11.23
C LEU B 206 33.13 -13.62 -12.52
N LYS B 207 32.06 -14.40 -12.50
CA LYS B 207 31.56 -15.03 -13.71
C LYS B 207 31.00 -13.98 -14.66
N ASP B 208 30.87 -14.37 -15.93
CA ASP B 208 30.36 -13.45 -16.94
C ASP B 208 28.92 -13.02 -16.66
N ASP B 209 28.18 -13.79 -15.88
CA ASP B 209 26.82 -13.42 -15.52
C ASP B 209 26.78 -12.23 -14.57
N CYS B 210 27.85 -12.02 -13.80
CA CYS B 210 27.88 -10.98 -12.77
C CYS B 210 29.11 -10.09 -12.97
N LYS B 211 29.20 -9.45 -14.12
CA LYS B 211 30.25 -8.47 -14.37
C LYS B 211 29.91 -7.09 -13.79
N GLU B 212 28.71 -6.91 -13.26
CA GLU B 212 28.34 -5.64 -12.65
C GLU B 212 29.12 -5.37 -11.38
N PHE B 213 29.60 -6.41 -10.70
CA PHE B 213 30.26 -6.28 -9.41
C PHE B 213 31.75 -5.99 -9.53
N SER B 214 32.27 -5.83 -10.75
CA SER B 214 33.60 -5.31 -10.97
C SER B 214 33.60 -3.81 -11.21
N SER B 215 32.48 -3.16 -11.01
CA SER B 215 32.33 -1.72 -11.19
C SER B 215 32.41 -1.01 -9.85
N GLU B 216 33.07 0.15 -9.83
CA GLU B 216 33.20 0.91 -8.59
C GLU B 216 31.87 1.51 -8.17
N ASP B 217 31.10 2.01 -9.13
CA ASP B 217 29.81 2.62 -8.80
C ASP B 217 28.81 1.58 -8.31
N ARG B 218 28.81 0.40 -8.92
CA ARG B 218 27.85 -0.64 -8.52
C ARG B 218 28.19 -1.20 -7.15
N VAL B 219 29.48 -1.42 -6.88
CA VAL B 219 29.87 -1.95 -5.57
C VAL B 219 29.57 -0.94 -4.47
N LYS B 220 29.75 0.36 -4.76
CA LYS B 220 29.48 1.38 -3.76
C LYS B 220 27.99 1.47 -3.45
N GLU B 221 27.13 1.11 -4.40
CA GLU B 221 25.70 1.05 -4.11
C GLU B 221 25.38 -0.04 -3.11
N VAL B 222 26.04 -1.19 -3.24
CA VAL B 222 25.74 -2.32 -2.36
C VAL B 222 26.25 -2.05 -0.95
N VAL B 223 27.39 -1.38 -0.82
CA VAL B 223 27.96 -1.10 0.50
C VAL B 223 27.07 -0.14 1.27
N THR B 224 26.74 1.00 0.65
CA THR B 224 25.92 1.99 1.33
C THR B 224 24.50 1.50 1.59
N LYS B 225 24.06 0.44 0.91
CA LYS B 225 22.73 -0.10 1.13
C LYS B 225 22.68 -0.95 2.40
N TYR B 226 23.52 -1.98 2.46
CA TYR B 226 23.51 -2.92 3.58
C TYR B 226 24.52 -2.55 4.66
N SER B 227 25.75 -2.20 4.26
CA SER B 227 26.84 -2.05 5.22
C SER B 227 27.26 -0.59 5.38
N ASN B 228 26.31 0.31 5.58
CA ASN B 228 26.62 1.72 5.74
C ASN B 228 26.85 2.12 7.19
N PHE B 229 26.58 1.21 8.14
CA PHE B 229 26.76 1.51 9.56
C PHE B 229 27.77 0.58 10.22
N VAL B 230 28.67 -0.02 9.43
CA VAL B 230 29.68 -0.90 9.99
C VAL B 230 30.62 -0.11 10.89
N SER B 231 30.98 -0.71 12.03
CA SER B 231 31.81 -0.07 13.05
C SER B 231 33.28 0.03 12.65
N PHE B 232 33.62 -0.10 11.37
CA PHE B 232 35.00 -0.04 10.90
C PHE B 232 35.05 0.69 9.57
N PRO B 233 36.16 1.36 9.27
CA PRO B 233 36.27 2.06 7.98
C PRO B 233 36.35 1.09 6.82
N ILE B 234 35.72 1.46 5.71
CA ILE B 234 35.71 0.67 4.49
C ILE B 234 36.29 1.51 3.36
N PHE B 235 37.30 0.97 2.68
CA PHE B 235 37.97 1.65 1.58
C PHE B 235 37.64 0.94 0.27
N LEU B 236 37.24 1.71 -0.74
CA LEU B 236 36.91 1.20 -2.06
C LEU B 236 37.87 1.80 -3.07
N ASN B 237 38.77 0.98 -3.59
CA ASN B 237 39.76 1.38 -4.58
C ASN B 237 40.62 2.55 -4.09
N GLY B 238 40.86 2.61 -2.79
CA GLY B 238 41.70 3.61 -2.18
C GLY B 238 40.95 4.72 -1.46
N ARG B 239 39.69 4.97 -1.84
CA ARG B 239 38.91 6.04 -1.25
C ARG B 239 38.10 5.53 -0.06
N ARG B 240 38.02 6.33 0.98
CA ARG B 240 37.28 5.97 2.18
C ARG B 240 35.78 6.22 1.96
N LEU B 241 34.98 5.21 2.25
CA LEU B 241 33.54 5.33 2.09
C LEU B 241 32.91 6.01 3.31
N ASN B 242 32.01 6.95 3.06
CA ASN B 242 31.40 7.72 4.13
C ASN B 242 30.43 6.86 4.94
N THR B 243 30.97 5.95 5.76
CA THR B 243 30.14 5.15 6.63
C THR B 243 29.56 6.01 7.75
N LEU B 244 28.27 5.82 8.02
CA LEU B 244 27.56 6.63 8.99
C LEU B 244 27.54 5.93 10.35
N GLN B 245 26.88 6.59 11.31
CA GLN B 245 26.76 6.08 12.67
C GLN B 245 25.32 5.66 12.93
N ALA B 246 25.15 4.57 13.66
CA ALA B 246 23.82 4.05 13.99
C ALA B 246 23.24 4.89 15.13
N LEU B 247 22.52 5.95 14.76
CA LEU B 247 21.95 6.86 15.76
C LEU B 247 20.87 6.21 16.60
N TRP B 248 20.25 5.13 16.12
CA TRP B 248 19.19 4.47 16.87
C TRP B 248 19.72 3.59 17.99
N MET B 249 21.03 3.39 18.07
CA MET B 249 21.66 2.58 19.12
CA MET B 249 21.65 2.57 19.12
C MET B 249 22.40 3.41 20.14
N MET B 250 22.10 4.70 20.24
CA MET B 250 22.81 5.60 21.14
C MET B 250 21.82 6.37 22.00
N GLU B 251 22.36 7.09 22.98
CA GLU B 251 21.54 7.86 23.92
C GLU B 251 20.86 9.01 23.19
N PRO B 252 19.57 9.24 23.41
CA PRO B 252 18.90 10.35 22.73
C PRO B 252 19.40 11.72 23.17
N LYS B 253 19.80 11.87 24.43
CA LYS B 253 20.24 13.16 24.93
C LYS B 253 21.65 13.52 24.47
N ASP B 254 22.28 12.70 23.64
CA ASP B 254 23.59 13.01 23.04
C ASP B 254 23.49 13.20 21.53
N ILE B 255 22.29 13.44 21.01
CA ILE B 255 22.07 13.66 19.59
C ILE B 255 21.50 15.07 19.43
N SER B 256 22.25 15.93 18.75
CA SER B 256 21.81 17.30 18.52
C SER B 256 20.77 17.35 17.41
N GLU B 257 20.10 18.50 17.29
CA GLU B 257 19.12 18.68 16.23
C GLU B 257 19.77 18.62 14.85
N TRP B 258 21.04 19.01 14.76
CA TRP B 258 21.72 18.98 13.46
C TRP B 258 22.07 17.56 13.04
N GLN B 259 22.23 16.65 14.00
CA GLN B 259 22.51 15.26 13.66
C GLN B 259 21.25 14.54 13.18
N HIS B 260 20.10 14.83 13.80
CA HIS B 260 18.84 14.26 13.32
C HIS B 260 18.48 14.80 11.95
N GLU B 261 18.91 16.03 11.62
CA GLU B 261 18.68 16.56 10.29
C GLU B 261 19.43 15.76 9.24
N GLU B 262 20.72 15.52 9.47
CA GLU B 262 21.53 14.79 8.50
C GLU B 262 21.10 13.33 8.39
N PHE B 263 20.71 12.73 9.52
CA PHE B 263 20.30 11.32 9.48
C PHE B 263 18.95 11.15 8.81
N TYR B 264 18.04 12.11 8.99
CA TYR B 264 16.75 12.04 8.31
C TYR B 264 16.90 12.19 6.80
N ARG B 265 17.80 13.06 6.37
CA ARG B 265 18.03 13.25 4.93
C ARG B 265 18.66 12.02 4.28
N TYR B 266 19.09 11.04 5.05
CA TYR B 266 19.66 9.81 4.52
C TYR B 266 18.65 8.66 4.48
N VAL B 267 18.03 8.34 5.61
CA VAL B 267 17.08 7.23 5.66
C VAL B 267 15.83 7.55 4.85
N ALA B 268 15.46 8.82 4.76
CA ALA B 268 14.31 9.23 3.96
C ALA B 268 14.70 9.76 2.58
N GLN B 269 16.00 10.02 2.36
CA GLN B 269 16.49 10.53 1.08
C GLN B 269 15.77 11.83 0.70
N ALA B 270 15.72 12.76 1.64
CA ALA B 270 15.03 14.03 1.46
C ALA B 270 16.03 15.17 1.49
N TYR B 271 15.52 16.39 1.29
CA TYR B 271 16.32 17.59 1.32
C TYR B 271 15.89 18.60 2.38
N ASP B 272 14.79 18.35 3.08
CA ASP B 272 14.30 19.23 4.13
C ASP B 272 14.73 18.69 5.50
N LYS B 273 14.12 19.21 6.55
CA LYS B 273 14.42 18.80 7.92
C LYS B 273 13.14 18.34 8.62
N PRO B 274 13.25 17.43 9.59
CA PRO B 274 12.05 16.93 10.26
C PRO B 274 11.49 17.94 11.25
N ARG B 275 10.16 18.04 11.29
CA ARG B 275 9.50 18.91 12.26
C ARG B 275 9.35 18.22 13.62
N TYR B 276 9.21 16.90 13.63
CA TYR B 276 9.15 16.11 14.85
C TYR B 276 10.19 15.01 14.78
N THR B 277 10.70 14.62 15.95
CA THR B 277 11.72 13.59 16.04
C THR B 277 11.46 12.74 17.28
N LEU B 278 11.21 11.45 17.08
CA LEU B 278 10.97 10.51 18.16
C LEU B 278 12.10 9.49 18.18
N HIS B 279 12.83 9.44 19.30
CA HIS B 279 13.92 8.48 19.50
C HIS B 279 13.48 7.56 20.64
N TYR B 280 12.66 6.57 20.29
CA TYR B 280 12.06 5.69 21.28
C TYR B 280 12.92 4.46 21.51
N ARG B 281 13.26 4.21 22.77
CA ARG B 281 13.98 3.02 23.18
C ARG B 281 13.15 2.28 24.22
N ALA B 282 13.27 0.95 24.24
CA ALA B 282 12.50 0.15 25.16
C ALA B 282 13.14 -1.22 25.34
N ASP B 283 12.98 -1.79 26.53
CA ASP B 283 13.44 -3.13 26.84
C ASP B 283 12.32 -4.03 27.33
N ALA B 284 11.09 -3.55 27.38
CA ALA B 284 9.94 -4.33 27.83
C ALA B 284 8.69 -3.76 27.16
N PRO B 285 7.81 -4.62 26.63
CA PRO B 285 7.94 -6.08 26.62
C PRO B 285 8.89 -6.59 25.54
N LEU B 286 9.33 -5.70 24.66
CA LEU B 286 10.22 -6.06 23.56
C LEU B 286 11.41 -5.12 23.54
N ASN B 287 12.47 -5.55 22.87
CA ASN B 287 13.65 -4.72 22.66
C ASN B 287 13.42 -3.83 21.43
N ILE B 288 13.42 -2.51 21.64
CA ILE B 288 13.15 -1.55 20.59
C ILE B 288 14.24 -0.49 20.60
N ARG B 289 14.84 -0.24 19.44
CA ARG B 289 15.82 0.84 19.24
C ARG B 289 15.45 1.51 17.92
N SER B 290 14.59 2.53 17.99
CA SER B 290 13.99 3.11 16.79
C SER B 290 14.08 4.63 16.83
N ILE B 291 14.06 5.21 15.63
CA ILE B 291 13.98 6.66 15.45
C ILE B 291 12.94 6.94 14.37
N PHE B 292 12.07 7.91 14.64
CA PHE B 292 11.01 8.28 13.70
C PHE B 292 11.05 9.78 13.43
N TYR B 293 10.72 10.15 12.20
CA TYR B 293 10.74 11.55 11.77
C TYR B 293 9.43 11.89 11.09
N VAL B 294 9.06 13.17 11.18
CA VAL B 294 7.93 13.71 10.44
C VAL B 294 8.46 14.82 9.54
N PRO B 295 8.39 14.67 8.23
CA PRO B 295 8.94 15.69 7.33
C PRO B 295 8.20 17.02 7.49
N GLU B 296 8.96 18.12 7.42
CA GLU B 296 8.35 19.44 7.45
C GLU B 296 7.61 19.73 6.15
N MET B 297 7.94 19.03 5.07
CA MET B 297 7.19 19.18 3.83
C MET B 297 5.80 18.60 3.97
N LYS B 298 4.84 19.25 3.30
CA LYS B 298 3.50 18.69 3.23
C LYS B 298 3.53 17.42 2.37
N PRO B 299 2.79 16.38 2.75
CA PRO B 299 2.81 15.14 1.97
C PRO B 299 2.22 15.36 0.58
N SER B 300 2.97 14.95 -0.44
CA SER B 300 2.52 15.10 -1.82
C SER B 300 1.29 14.23 -2.07
N MET B 301 0.25 14.83 -2.63
CA MET B 301 -0.99 14.10 -2.89
C MET B 301 -0.80 12.99 -3.92
N PHE B 302 0.24 13.08 -4.75
CA PHE B 302 0.49 12.02 -5.73
C PHE B 302 1.10 10.78 -5.10
N ASP B 303 1.82 10.94 -3.98
CA ASP B 303 2.42 9.82 -3.28
C ASP B 303 1.51 9.22 -2.21
N VAL B 304 0.46 9.93 -1.81
CA VAL B 304 -0.47 9.39 -0.81
C VAL B 304 -1.23 8.20 -1.39
N SER B 305 -1.79 8.36 -2.59
CA SER B 305 -2.51 7.27 -3.23
C SER B 305 -1.55 6.22 -3.77
N ARG B 306 -0.34 6.63 -4.15
CA ARG B 306 0.66 5.69 -4.66
C ARG B 306 1.44 5.05 -3.52
N SER B 311 8.28 2.66 4.23
CA SER B 311 8.85 4.00 4.34
C SER B 311 9.87 4.06 5.47
N VAL B 312 9.73 3.16 6.44
CA VAL B 312 10.63 3.06 7.58
C VAL B 312 11.49 1.83 7.41
N ALA B 313 12.81 2.02 7.46
CA ALA B 313 13.74 0.92 7.29
C ALA B 313 13.75 0.03 8.54
N LEU B 314 14.34 -1.16 8.38
CA LEU B 314 14.50 -2.10 9.47
C LEU B 314 15.92 -2.64 9.45
N TYR B 315 16.62 -2.52 10.57
CA TYR B 315 18.00 -2.96 10.69
C TYR B 315 18.13 -4.00 11.79
N SER B 316 19.27 -4.67 11.80
CA SER B 316 19.61 -5.63 12.84
C SER B 316 21.12 -5.79 12.85
N ARG B 317 21.75 -5.41 13.96
CA ARG B 317 23.21 -5.39 14.08
C ARG B 317 23.84 -4.51 13.01
N LYS B 318 23.22 -3.35 12.78
CA LYS B 318 23.72 -2.35 11.83
C LYS B 318 23.78 -2.88 10.40
N ILE B 319 22.91 -3.84 10.07
CA ILE B 319 22.82 -4.42 8.74
C ILE B 319 21.39 -4.30 8.25
N LEU B 320 21.22 -3.87 7.00
CA LEU B 320 19.88 -3.63 6.46
C LEU B 320 19.10 -4.93 6.32
N ILE B 321 17.85 -4.91 6.78
CA ILE B 321 16.95 -6.05 6.69
C ILE B 321 15.66 -5.59 6.04
N GLN B 322 15.07 -6.45 5.22
CA GLN B 322 13.80 -6.14 4.56
C GLN B 322 12.81 -7.28 4.70
N ASP B 327 2.75 -3.98 7.99
CA ASP B 327 4.19 -4.18 8.11
C ASP B 327 4.64 -3.96 9.56
N ILE B 328 5.65 -3.11 9.74
CA ILE B 328 6.12 -2.79 11.09
C ILE B 328 5.25 -1.72 11.73
N LEU B 329 4.77 -0.77 10.94
CA LEU B 329 3.87 0.28 11.39
C LEU B 329 2.54 0.14 10.67
N PRO B 330 1.45 0.64 11.26
CA PRO B 330 0.15 0.58 10.57
C PRO B 330 0.16 1.41 9.29
N LYS B 331 -0.88 1.19 8.48
CA LYS B 331 -0.95 1.86 7.18
C LYS B 331 -1.06 3.37 7.33
N TRP B 332 -1.73 3.85 8.38
CA TRP B 332 -1.91 5.27 8.58
C TRP B 332 -0.64 5.96 9.10
N LEU B 333 0.36 5.21 9.53
CA LEU B 333 1.63 5.76 9.96
C LEU B 333 2.71 5.66 8.88
N ARG B 334 2.32 5.58 7.61
CA ARG B 334 3.28 5.50 6.52
C ARG B 334 3.96 6.83 6.24
N PHE B 335 3.49 7.93 6.84
CA PHE B 335 4.14 9.22 6.67
C PHE B 335 5.41 9.33 7.52
N LEU B 336 5.54 8.52 8.56
CA LEU B 336 6.74 8.54 9.38
C LEU B 336 7.91 7.90 8.62
N ARG B 337 9.11 8.47 8.83
CA ARG B 337 10.33 7.95 8.24
CA ARG B 337 10.33 7.95 8.24
C ARG B 337 11.34 7.69 9.34
N GLY B 338 12.18 6.70 9.11
CA GLY B 338 13.20 6.37 10.09
C GLY B 338 13.59 4.91 10.01
N VAL B 339 14.01 4.37 11.16
CA VAL B 339 14.56 3.03 11.24
C VAL B 339 14.10 2.40 12.55
N VAL B 340 13.81 1.10 12.51
CA VAL B 340 13.39 0.34 13.68
C VAL B 340 14.30 -0.87 13.83
N ASP B 341 14.86 -1.03 15.03
CA ASP B 341 15.71 -2.17 15.36
C ASP B 341 15.08 -2.94 16.52
N SER B 342 15.31 -4.24 16.54
CA SER B 342 14.75 -5.11 17.57
C SER B 342 15.54 -6.41 17.62
N GLU B 343 16.17 -6.68 18.76
CA GLU B 343 16.91 -7.92 18.95
C GLU B 343 15.99 -9.13 19.13
N ASP B 344 14.68 -8.91 19.26
CA ASP B 344 13.73 -9.99 19.46
C ASP B 344 13.09 -10.48 18.17
N ILE B 345 13.48 -9.93 17.02
CA ILE B 345 12.94 -10.32 15.73
C ILE B 345 13.93 -11.28 15.09
N PRO B 346 13.61 -12.57 14.95
CA PRO B 346 14.58 -13.50 14.35
C PRO B 346 14.66 -13.32 12.85
N LEU B 347 15.86 -13.51 12.31
CA LEU B 347 16.09 -13.47 10.87
C LEU B 347 16.11 -14.87 10.30
N ASN B 348 15.88 -14.96 8.99
CA ASN B 348 15.94 -16.23 8.29
C ASN B 348 17.37 -16.50 7.84
N LEU B 349 17.55 -17.54 7.03
CA LEU B 349 18.90 -17.88 6.58
C LEU B 349 19.41 -16.87 5.55
N SER B 350 18.52 -16.37 4.70
CA SER B 350 18.90 -15.39 3.68
C SER B 350 18.99 -13.97 4.22
N ARG B 351 18.64 -13.75 5.48
CA ARG B 351 18.75 -12.44 6.14
C ARG B 351 17.93 -11.38 5.40
N GLU B 352 16.64 -11.67 5.23
CA GLU B 352 15.76 -10.75 4.51
C GLU B 352 14.30 -11.01 4.85
N LEU B 353 14.03 -11.79 5.89
CA LEU B 353 12.66 -12.11 6.29
C LEU B 353 12.55 -12.09 7.81
N LEU B 354 11.39 -11.64 8.29
CA LEU B 354 11.09 -11.59 9.72
C LEU B 354 10.29 -12.84 10.09
N GLN B 355 10.67 -13.49 11.20
CA GLN B 355 10.20 -14.83 11.50
C GLN B 355 9.14 -14.89 12.59
N GLU B 356 8.57 -13.76 13.02
CA GLU B 356 7.55 -13.76 14.06
C GLU B 356 6.45 -12.79 13.66
N SER B 357 5.50 -13.28 12.86
CA SER B 357 4.39 -12.43 12.44
C SER B 357 3.50 -12.02 13.61
N ALA B 358 3.53 -12.76 14.71
CA ALA B 358 2.80 -12.36 15.90
C ALA B 358 3.54 -11.26 16.66
N LEU B 359 4.86 -11.35 16.73
CA LEU B 359 5.64 -10.29 17.36
C LEU B 359 5.61 -9.02 16.53
N ILE B 360 5.65 -9.15 15.20
CA ILE B 360 5.51 -7.98 14.32
C ILE B 360 4.17 -7.30 14.57
N ARG B 361 3.11 -8.09 14.75
CA ARG B 361 1.81 -7.51 15.07
C ARG B 361 1.80 -6.90 16.46
N LYS B 362 2.52 -7.49 17.41
CA LYS B 362 2.63 -6.90 18.73
C LYS B 362 3.56 -5.70 18.72
N LEU B 363 4.71 -5.80 18.04
CA LEU B 363 5.61 -4.66 17.89
C LEU B 363 4.92 -3.50 17.21
N ARG B 364 4.01 -3.78 16.27
CA ARG B 364 3.31 -2.72 15.56
C ARG B 364 2.36 -1.97 16.49
N ASP B 365 1.69 -2.69 17.39
CA ASP B 365 0.75 -2.05 18.31
C ASP B 365 1.50 -1.23 19.36
N VAL B 366 2.67 -1.70 19.80
CA VAL B 366 3.45 -0.95 20.78
C VAL B 366 3.95 0.35 20.16
N LEU B 367 4.45 0.29 18.93
CA LEU B 367 4.90 1.51 18.25
C LEU B 367 3.73 2.45 17.97
N GLN B 368 2.55 1.90 17.67
CA GLN B 368 1.38 2.75 17.44
C GLN B 368 1.02 3.52 18.71
N GLN B 369 1.01 2.84 19.86
CA GLN B 369 0.69 3.52 21.11
CA GLN B 369 0.70 3.52 21.11
C GLN B 369 1.74 4.55 21.49
N ARG B 370 3.00 4.31 21.12
CA ARG B 370 4.06 5.26 21.45
C ARG B 370 3.97 6.51 20.57
N VAL B 371 3.76 6.32 19.26
CA VAL B 371 3.60 7.46 18.37
C VAL B 371 2.37 8.28 18.75
N ILE B 372 1.31 7.60 19.21
CA ILE B 372 0.12 8.31 19.66
C ILE B 372 0.45 9.16 20.88
N ARG B 373 1.20 8.61 21.83
CA ARG B 373 1.60 9.39 23.00
C ARG B 373 2.56 10.50 22.62
N PHE B 374 3.48 10.22 21.70
CA PHE B 374 4.42 11.25 21.25
C PHE B 374 3.68 12.40 20.58
N LEU B 375 2.74 12.10 19.69
CA LEU B 375 1.98 13.16 19.03
C LEU B 375 1.05 13.87 19.99
N LEU B 376 0.54 13.17 21.02
CA LEU B 376 -0.29 13.83 22.02
C LEU B 376 0.53 14.78 22.89
N ASP B 377 1.80 14.45 23.13
CA ASP B 377 2.66 15.34 23.89
C ASP B 377 3.09 16.56 23.08
N GLN B 378 3.05 16.47 21.75
CA GLN B 378 3.39 17.62 20.93
C GLN B 378 2.28 18.67 20.91
N SER B 379 1.03 18.25 21.11
CA SER B 379 -0.06 19.21 21.23
C SER B 379 0.00 19.94 22.57
N LYS B 380 0.59 19.33 23.59
CA LYS B 380 0.73 19.97 24.89
C LYS B 380 1.82 21.03 24.88
N LYS B 381 2.98 20.70 24.29
CA LYS B 381 4.10 21.64 24.31
C LYS B 381 3.86 22.82 23.38
N ASP B 382 3.50 22.54 22.12
CA ASP B 382 3.30 23.59 21.13
C ASP B 382 2.02 23.31 20.36
N PRO B 383 0.88 23.87 20.81
CA PRO B 383 -0.37 23.65 20.08
C PRO B 383 -0.39 24.30 18.71
N GLU B 384 0.30 25.44 18.53
CA GLU B 384 0.33 26.10 17.23
C GLU B 384 1.08 25.27 16.21
N LYS B 385 2.19 24.63 16.62
CA LYS B 385 2.92 23.76 15.70
C LYS B 385 2.12 22.51 15.37
N TYR B 386 1.43 21.94 16.37
CA TYR B 386 0.60 20.77 16.12
C TYR B 386 -0.59 21.12 15.23
N ALA B 387 -1.08 22.36 15.30
CA ALA B 387 -2.15 22.78 14.40
C ALA B 387 -1.67 22.78 12.96
N ARG B 388 -0.38 23.04 12.73
CA ARG B 388 0.19 22.94 11.39
C ARG B 388 0.37 21.48 10.99
N PHE B 389 0.84 20.64 11.91
CA PHE B 389 1.03 19.23 11.61
C PHE B 389 -0.31 18.55 11.34
N PHE B 390 -1.32 18.83 12.17
CA PHE B 390 -2.65 18.27 11.95
C PHE B 390 -3.29 18.80 10.68
N GLU B 391 -2.89 19.99 10.22
CA GLU B 391 -3.41 20.51 8.96
C GLU B 391 -2.75 19.86 7.76
N ASP B 392 -1.52 19.38 7.91
CA ASP B 392 -0.78 18.75 6.81
C ASP B 392 -0.89 17.24 6.79
N TYR B 393 -1.02 16.60 7.95
CA TYR B 393 -1.06 15.15 8.04
C TYR B 393 -2.36 14.62 8.63
N GLY B 394 -3.36 15.48 8.84
CA GLY B 394 -4.60 15.04 9.47
C GLY B 394 -5.33 13.97 8.68
N LEU B 395 -5.12 13.93 7.37
CA LEU B 395 -5.76 12.91 6.54
C LEU B 395 -5.29 11.50 6.88
N PHE B 396 -4.11 11.36 7.49
CA PHE B 396 -3.64 10.04 7.91
C PHE B 396 -4.37 9.58 9.16
N MET B 397 -4.56 10.49 10.12
CA MET B 397 -5.28 10.13 11.34
C MET B 397 -6.74 9.79 11.04
N ARG B 398 -7.33 10.41 10.03
CA ARG B 398 -8.70 10.09 9.67
C ARG B 398 -8.79 8.75 8.93
N GLU B 399 -7.72 8.39 8.21
CA GLU B 399 -7.71 7.08 7.55
C GLU B 399 -7.58 5.96 8.56
N GLY B 400 -6.73 6.13 9.57
CA GLY B 400 -6.55 5.11 10.59
C GLY B 400 -7.77 4.89 11.45
N ILE B 401 -8.72 5.80 11.44
CA ILE B 401 -9.97 5.62 12.18
C ILE B 401 -11.00 4.88 11.33
N VAL B 402 -11.06 5.19 10.03
CA VAL B 402 -12.06 4.57 9.17
C VAL B 402 -11.68 3.13 8.85
N THR B 403 -10.39 2.87 8.58
CA THR B 403 -9.92 1.56 8.15
C THR B 403 -9.49 0.68 9.32
N THR B 404 -10.09 0.87 10.51
CA THR B 404 -9.77 0.08 11.68
C THR B 404 -11.03 -0.59 12.21
N GLY B 405 -10.88 -1.83 12.69
CA GLY B 405 -11.99 -2.55 13.25
C GLY B 405 -12.07 -2.47 14.76
N GLU B 406 -10.91 -2.31 15.40
CA GLU B 406 -10.86 -2.20 16.85
C GLU B 406 -11.37 -0.84 17.31
N GLN B 407 -12.35 -0.84 18.21
CA GLN B 407 -12.93 0.41 18.68
C GLN B 407 -11.93 1.20 19.53
N SER B 408 -11.13 0.51 20.34
CA SER B 408 -10.15 1.21 21.16
C SER B 408 -9.05 1.85 20.32
N VAL B 409 -8.71 1.24 19.18
CA VAL B 409 -7.75 1.88 18.28
C VAL B 409 -8.38 3.06 17.58
N LYS B 410 -9.69 3.00 17.30
CA LYS B 410 -10.39 4.16 16.77
C LYS B 410 -10.30 5.34 17.71
N GLU B 411 -10.47 5.10 19.02
CA GLU B 411 -10.50 6.19 19.99
C GLU B 411 -9.11 6.67 20.37
N ASP B 412 -8.10 5.79 20.33
CA ASP B 412 -6.74 6.23 20.60
C ASP B 412 -6.25 7.17 19.52
N ILE B 413 -6.51 6.85 18.25
CA ILE B 413 -6.16 7.77 17.17
C ILE B 413 -7.05 9.00 17.22
N ALA B 414 -8.30 8.86 17.65
CA ALA B 414 -9.21 9.99 17.71
C ALA B 414 -8.74 11.05 18.70
N LYS B 415 -7.89 10.69 19.67
CA LYS B 415 -7.35 11.68 20.59
C LYS B 415 -6.48 12.70 19.88
N LEU B 416 -6.02 12.40 18.66
CA LEU B 416 -5.19 13.32 17.88
C LEU B 416 -6.01 14.31 17.08
N LEU B 417 -7.32 14.12 16.96
CA LEU B 417 -8.14 15.03 16.19
C LEU B 417 -8.30 16.37 16.90
N ARG B 418 -8.54 17.42 16.11
CA ARG B 418 -8.69 18.77 16.63
C ARG B 418 -9.90 19.42 15.97
N PHE B 419 -10.75 20.05 16.78
CA PHE B 419 -11.92 20.75 16.29
C PHE B 419 -12.04 22.07 17.04
N GLU B 420 -13.07 22.84 16.68
CA GLU B 420 -13.43 24.06 17.41
C GLU B 420 -14.78 23.85 18.09
N SER B 421 -14.98 24.58 19.19
CA SER B 421 -16.15 24.39 20.03
C SER B 421 -17.02 25.64 20.02
N SER B 422 -18.32 25.44 20.25
CA SER B 422 -19.26 26.55 20.37
C SER B 422 -19.17 27.26 21.71
N ALA B 423 -18.42 26.71 22.67
CA ALA B 423 -18.19 27.33 23.96
C ALA B 423 -16.82 27.98 24.06
N LEU B 424 -16.07 28.03 22.96
CA LEU B 424 -14.75 28.62 22.90
C LEU B 424 -14.69 29.69 21.82
N PRO B 425 -13.80 30.68 21.94
CA PRO B 425 -13.72 31.73 20.92
C PRO B 425 -13.28 31.17 19.57
N ALA B 426 -13.42 32.00 18.55
CA ALA B 426 -13.09 31.58 17.19
C ALA B 426 -11.59 31.37 17.04
N GLY B 427 -11.23 30.27 16.38
CA GLY B 427 -9.84 29.95 16.12
C GLY B 427 -9.19 29.04 17.15
N GLN B 428 -9.75 28.96 18.36
CA GLN B 428 -9.17 28.12 19.40
C GLN B 428 -9.55 26.67 19.18
N GLN B 429 -8.56 25.79 19.15
CA GLN B 429 -8.78 24.38 18.91
C GLN B 429 -8.98 23.63 20.21
N THR B 430 -9.71 22.50 20.12
CA THR B 430 -9.98 21.64 21.26
C THR B 430 -9.97 20.20 20.77
N SER B 431 -10.28 19.27 21.67
CA SER B 431 -10.27 17.85 21.36
C SER B 431 -11.48 17.18 22.01
N LEU B 432 -11.67 15.91 21.66
CA LEU B 432 -12.73 15.12 22.30
C LEU B 432 -12.46 14.94 23.79
N MET B 433 -11.18 14.92 24.18
CA MET B 433 -10.84 14.83 25.60
C MET B 433 -11.33 16.06 26.36
N GLU B 434 -11.08 17.24 25.81
CA GLU B 434 -11.53 18.46 26.48
C GLU B 434 -13.04 18.62 26.42
N TYR B 435 -13.67 18.06 25.38
CA TYR B 435 -15.13 18.10 25.32
C TYR B 435 -15.75 17.21 26.41
N SER B 436 -15.11 16.07 26.69
CA SER B 436 -15.67 15.14 27.68
C SER B 436 -15.60 15.72 29.09
N SER B 437 -14.59 16.54 29.38
CA SER B 437 -14.46 17.09 30.72
C SER B 437 -15.49 18.20 30.99
N ARG B 438 -15.86 18.96 29.95
CA ARG B 438 -16.81 20.04 30.13
C ARG B 438 -18.25 19.56 30.27
N MET B 439 -18.54 18.33 29.84
CA MET B 439 -19.90 17.83 29.88
C MET B 439 -20.38 17.67 31.31
N LYS B 440 -21.66 17.95 31.52
CA LYS B 440 -22.26 17.80 32.84
C LYS B 440 -22.48 16.32 33.15
N ALA B 441 -22.91 16.05 34.38
CA ALA B 441 -23.13 14.67 34.79
C ALA B 441 -24.35 14.05 34.11
N GLY B 442 -25.32 14.89 33.70
CA GLY B 442 -26.53 14.38 33.08
C GLY B 442 -26.42 14.10 31.60
N THR B 443 -25.50 14.75 30.90
CA THR B 443 -25.36 14.55 29.47
C THR B 443 -24.74 13.18 29.17
N ARG B 444 -25.03 12.67 27.97
CA ARG B 444 -24.50 11.38 27.55
C ARG B 444 -24.15 11.33 26.07
N ASN B 445 -24.10 12.47 25.39
CA ASN B 445 -23.81 12.52 23.96
C ASN B 445 -22.79 13.61 23.68
N ILE B 446 -22.17 13.50 22.51
CA ILE B 446 -21.19 14.47 22.02
C ILE B 446 -21.72 15.03 20.71
N TYR B 447 -22.17 16.27 20.74
CA TYR B 447 -22.78 16.91 19.58
C TYR B 447 -21.73 17.61 18.74
N TYR B 448 -21.79 17.41 17.43
CA TYR B 448 -20.84 18.02 16.50
C TYR B 448 -21.60 18.56 15.30
N LEU B 449 -20.99 19.56 14.65
CA LEU B 449 -21.57 20.19 13.47
C LEU B 449 -20.46 20.41 12.44
N CYS B 450 -20.73 20.01 11.20
CA CYS B 450 -19.77 20.12 10.11
C CYS B 450 -20.14 21.30 9.22
N ALA B 451 -19.16 22.16 8.95
CA ALA B 451 -19.37 23.34 8.13
C ALA B 451 -18.04 23.68 7.45
N PRO B 452 -18.08 24.41 6.33
CA PRO B 452 -16.81 24.78 5.66
C PRO B 452 -15.87 25.59 6.54
N ASN B 453 -16.37 26.65 7.17
CA ASN B 453 -15.53 27.52 7.99
C ASN B 453 -16.26 27.83 9.29
N ARG B 454 -15.69 28.74 10.08
CA ARG B 454 -16.25 29.07 11.38
C ARG B 454 -17.53 29.89 11.25
N HIS B 455 -17.54 30.88 10.34
CA HIS B 455 -18.69 31.78 10.24
C HIS B 455 -19.94 31.04 9.80
N LEU B 456 -19.80 29.99 9.00
CA LEU B 456 -20.96 29.22 8.59
C LEU B 456 -21.46 28.31 9.70
N ALA B 457 -20.56 27.80 10.55
CA ALA B 457 -20.98 26.95 11.65
C ALA B 457 -21.72 27.75 12.72
N GLU B 458 -21.23 28.97 13.02
CA GLU B 458 -21.89 29.78 14.03
C GLU B 458 -23.26 30.25 13.58
N HIS B 459 -23.45 30.50 12.29
CA HIS B 459 -24.71 30.98 11.75
C HIS B 459 -25.43 29.91 10.92
N SER B 460 -25.12 28.63 11.16
CA SER B 460 -25.81 27.57 10.46
C SER B 460 -27.25 27.44 10.97
N PRO B 461 -28.20 27.12 10.10
CA PRO B 461 -29.57 26.91 10.58
C PRO B 461 -29.69 25.74 11.53
N TYR B 462 -28.81 24.74 11.40
CA TYR B 462 -28.80 23.62 12.33
C TYR B 462 -28.20 23.98 13.68
N PHE B 463 -27.41 25.06 13.75
CA PHE B 463 -26.87 25.53 15.02
C PHE B 463 -27.85 26.42 15.76
N GLU B 464 -28.67 27.21 15.05
CA GLU B 464 -29.69 28.00 15.72
C GLU B 464 -30.69 27.11 16.45
N ALA B 465 -30.97 25.93 15.92
CA ALA B 465 -31.83 24.97 16.61
C ALA B 465 -31.11 24.33 17.79
N MET B 466 -29.78 24.28 17.77
CA MET B 466 -29.03 23.72 18.88
C MET B 466 -28.82 24.74 20.01
N LYS B 467 -28.82 26.03 19.68
CA LYS B 467 -28.63 27.06 20.69
C LYS B 467 -29.79 27.12 21.67
N GLN B 468 -30.96 26.61 21.30
CA GLN B 468 -32.07 26.53 22.25
C GLN B 468 -31.78 25.51 23.34
N LYS B 469 -30.97 24.49 23.04
CA LYS B 469 -30.45 23.61 24.07
C LYS B 469 -29.25 24.26 24.75
N ASP B 470 -28.77 23.62 25.82
CA ASP B 470 -27.59 24.08 26.55
C ASP B 470 -26.39 23.17 26.31
N MET B 471 -26.43 22.38 25.24
CA MET B 471 -25.35 21.45 24.95
C MET B 471 -24.21 22.16 24.21
N GLU B 472 -23.01 21.58 24.34
CA GLU B 472 -21.85 22.08 23.61
C GLU B 472 -21.72 21.32 22.29
N VAL B 473 -21.43 22.06 21.22
CA VAL B 473 -21.37 21.52 19.87
C VAL B 473 -19.96 21.73 19.32
N LEU B 474 -19.38 20.67 18.80
CA LEU B 474 -18.08 20.76 18.13
C LEU B 474 -18.25 21.23 16.70
N PHE B 475 -17.26 21.99 16.22
CA PHE B 475 -17.24 22.50 14.85
C PHE B 475 -16.13 21.78 14.09
N CYS B 476 -16.51 21.07 13.02
CA CYS B 476 -15.59 20.33 12.18
C CYS B 476 -15.54 20.98 10.81
N PHE B 477 -14.35 21.40 10.39
CA PHE B 477 -14.20 22.16 9.16
C PHE B 477 -13.59 21.38 8.01
N GLU B 478 -13.06 20.18 8.26
CA GLU B 478 -12.41 19.43 7.21
C GLU B 478 -13.45 18.66 6.38
N GLN B 479 -13.03 18.24 5.18
CA GLN B 479 -13.95 17.57 4.26
C GLN B 479 -14.39 16.22 4.80
N PHE B 480 -13.43 15.40 5.25
CA PHE B 480 -13.72 14.04 5.71
C PHE B 480 -13.82 13.95 7.23
N ASP B 481 -14.24 15.03 7.89
CA ASP B 481 -14.44 14.98 9.34
C ASP B 481 -15.74 14.24 9.68
N GLU B 482 -16.79 14.44 8.89
CA GLU B 482 -18.05 13.76 9.18
C GLU B 482 -17.96 12.27 8.87
N LEU B 483 -17.20 11.90 7.84
CA LEU B 483 -16.96 10.49 7.56
C LEU B 483 -16.16 9.83 8.68
N THR B 484 -15.25 10.57 9.29
CA THR B 484 -14.45 10.02 10.39
C THR B 484 -15.27 9.83 11.64
N LEU B 485 -16.05 10.86 12.01
CA LEU B 485 -16.87 10.77 13.22
C LEU B 485 -18.00 9.76 13.08
N LEU B 486 -18.38 9.39 11.86
CA LEU B 486 -19.36 8.32 11.68
C LEU B 486 -18.73 6.95 11.90
N HIS B 487 -17.49 6.75 11.43
CA HIS B 487 -16.80 5.50 11.70
C HIS B 487 -16.32 5.41 13.14
N LEU B 488 -16.05 6.57 13.77
CA LEU B 488 -15.70 6.57 15.18
C LEU B 488 -16.91 6.23 16.05
N ARG B 489 -18.09 6.69 15.63
CA ARG B 489 -19.36 6.36 16.28
C ARG B 489 -19.43 6.84 17.73
N GLU B 490 -18.55 6.33 18.59
CA GLU B 490 -18.56 6.71 20.00
C GLU B 490 -17.15 6.99 20.47
N PHE B 491 -17.06 7.76 21.55
CA PHE B 491 -15.78 8.09 22.17
C PHE B 491 -15.97 8.15 23.68
N ASP B 492 -15.27 7.28 24.40
CA ASP B 492 -15.34 7.22 25.86
C ASP B 492 -16.77 6.93 26.32
N ARG B 493 -17.38 5.92 25.70
CA ARG B 493 -18.74 5.45 25.98
C ARG B 493 -19.81 6.49 25.67
N LYS B 494 -19.46 7.57 24.99
CA LYS B 494 -20.40 8.63 24.65
C LYS B 494 -20.66 8.64 23.15
N LYS B 495 -21.94 8.69 22.78
CA LYS B 495 -22.32 8.63 21.37
C LYS B 495 -22.10 9.97 20.69
N LEU B 496 -21.57 9.91 19.47
CA LEU B 496 -21.40 11.09 18.63
C LEU B 496 -22.67 11.30 17.82
N ILE B 497 -23.33 12.44 18.02
CA ILE B 497 -24.57 12.77 17.34
C ILE B 497 -24.38 14.09 16.62
N SER B 498 -24.57 14.09 15.30
CA SER B 498 -24.50 15.32 14.53
C SER B 498 -25.70 16.21 14.85
N ALA B 499 -25.52 17.51 14.62
CA ALA B 499 -26.60 18.46 14.86
C ALA B 499 -27.79 18.19 13.96
N GLU B 500 -27.54 17.83 12.71
CA GLU B 500 -28.64 17.55 11.78
C GLU B 500 -29.41 16.31 12.19
N THR B 501 -28.76 15.35 12.84
CA THR B 501 -29.46 14.15 13.28
C THR B 501 -30.28 14.42 14.54
N ASP B 502 -29.73 15.14 15.50
CA ASP B 502 -30.43 15.40 16.75
C ASP B 502 -31.69 16.23 16.54
N ILE B 503 -31.70 17.08 15.51
CA ILE B 503 -32.89 17.87 15.21
C ILE B 503 -34.02 16.96 14.73
N VAL B 504 -33.69 15.93 13.95
CA VAL B 504 -34.70 15.00 13.46
C VAL B 504 -35.24 14.15 14.60
N VAL B 505 -34.39 13.81 15.58
CA VAL B 505 -34.83 12.95 16.67
C VAL B 505 -35.82 13.67 17.58
N ASP B 506 -35.61 14.98 17.80
CA ASP B 506 -36.48 15.72 18.71
C ASP B 506 -37.92 15.80 18.20
N HIS B 507 -38.15 15.58 16.90
CA HIS B 507 -39.51 15.50 16.40
C HIS B 507 -40.24 14.29 16.97
N TYR B 508 -39.54 13.19 17.20
CA TYR B 508 -40.12 11.99 17.78
C TYR B 508 -40.12 12.02 19.31
N LYS B 509 -39.80 13.17 19.91
CA LYS B 509 -39.89 13.35 21.35
C LYS B 509 -40.92 14.42 21.67
N GLU B 510 -40.55 15.37 22.52
CA GLU B 510 -41.42 16.50 22.89
C GLU B 510 -40.89 17.75 22.19
N GLU B 511 -41.63 18.20 21.17
CA GLU B 511 -41.29 19.45 20.50
C GLU B 511 -41.66 20.61 21.40
N LYS B 512 -40.95 20.76 22.51
CA LYS B 512 -41.24 21.80 23.50
C LYS B 512 -40.34 23.02 23.30
N PHE B 513 -40.27 23.49 22.06
CA PHE B 513 -39.51 24.66 21.69
C PHE B 513 -40.45 25.81 21.33
N GLN B 514 -39.90 27.02 21.30
CA GLN B 514 -40.66 28.22 21.01
C GLN B 514 -39.90 29.08 20.01
N ASP B 515 -40.66 29.84 19.22
CA ASP B 515 -40.06 30.65 18.16
C ASP B 515 -39.22 31.78 18.75
N SER B 516 -38.35 32.33 17.91
CA SER B 516 -37.52 33.47 18.31
C SER B 516 -38.29 34.78 18.30
N LYS B 517 -39.38 34.86 17.55
CA LYS B 517 -40.23 36.03 17.48
C LYS B 517 -41.59 35.75 18.10
N PRO B 518 -42.25 36.76 18.65
CA PRO B 518 -43.59 36.55 19.23
C PRO B 518 -44.60 36.16 18.16
N ALA B 519 -45.79 35.77 18.62
CA ALA B 519 -46.84 35.33 17.72
C ALA B 519 -47.32 36.44 16.79
N SER B 520 -47.06 37.70 17.14
CA SER B 520 -47.47 38.81 16.27
C SER B 520 -46.60 38.89 15.02
N GLU B 521 -45.36 38.39 15.09
CA GLU B 521 -44.43 38.46 13.98
C GLU B 521 -44.48 37.23 13.08
N ARG B 522 -45.32 36.25 13.40
CA ARG B 522 -45.40 35.00 12.66
C ARG B 522 -46.70 34.92 11.88
N LEU B 523 -46.77 33.94 10.99
CA LEU B 523 -48.02 33.65 10.29
C LEU B 523 -48.99 32.95 11.23
N SER B 524 -50.27 33.24 11.07
CA SER B 524 -51.28 32.58 11.88
C SER B 524 -51.39 31.11 11.46
N SER B 525 -52.06 30.32 12.32
CA SER B 525 -52.22 28.90 12.03
C SER B 525 -53.03 28.67 10.76
N GLU B 526 -53.99 29.56 10.48
CA GLU B 526 -54.75 29.44 9.23
C GLU B 526 -53.90 29.81 8.03
N GLN B 527 -53.06 30.84 8.16
CA GLN B 527 -52.18 31.24 7.07
C GLN B 527 -51.01 30.27 6.88
N ALA B 528 -50.64 29.53 7.92
CA ALA B 528 -49.55 28.57 7.79
C ALA B 528 -50.00 27.32 7.04
N GLU B 529 -51.17 26.76 7.42
CA GLU B 529 -51.67 25.57 6.74
C GLU B 529 -52.04 25.86 5.31
N ASP B 530 -52.60 27.06 5.04
CA ASP B 530 -52.87 27.45 3.67
C ASP B 530 -51.59 27.57 2.86
N LEU B 531 -50.48 27.92 3.51
CA LEU B 531 -49.19 28.01 2.82
C LEU B 531 -48.53 26.65 2.71
N LEU B 532 -48.68 25.79 3.74
CA LEU B 532 -48.05 24.47 3.70
C LEU B 532 -48.66 23.60 2.61
N ALA B 533 -49.98 23.69 2.41
CA ALA B 533 -50.63 22.87 1.38
C ALA B 533 -50.18 23.28 -0.01
N TRP B 534 -49.99 24.58 -0.24
CA TRP B 534 -49.51 25.04 -1.54
C TRP B 534 -48.07 24.59 -1.80
N MET B 535 -47.26 24.46 -0.75
CA MET B 535 -45.88 24.04 -0.91
C MET B 535 -45.78 22.54 -1.19
N ARG B 536 -46.69 21.73 -0.63
CA ARG B 536 -46.67 20.30 -0.91
C ARG B 536 -47.09 20.00 -2.34
N ASN B 537 -47.87 20.89 -2.96
CA ASN B 537 -48.31 20.67 -4.34
C ASN B 537 -47.27 21.12 -5.35
N ALA B 538 -46.45 22.12 -5.01
CA ALA B 538 -45.38 22.55 -5.90
C ALA B 538 -44.09 21.77 -5.69
N LEU B 539 -44.02 20.95 -4.64
CA LEU B 539 -42.87 20.10 -4.35
C LEU B 539 -43.33 18.68 -4.07
N VAL B 540 -44.08 18.11 -5.02
CA VAL B 540 -44.70 16.80 -4.80
C VAL B 540 -43.64 15.71 -4.70
N GLN B 541 -42.91 15.48 -5.80
CA GLN B 541 -41.96 14.38 -5.88
C GLN B 541 -40.53 14.81 -5.55
N ARG B 542 -40.36 15.95 -4.89
CA ARG B 542 -39.04 16.40 -4.48
C ARG B 542 -38.80 16.37 -2.98
N VAL B 543 -39.86 16.41 -2.16
CA VAL B 543 -39.74 16.30 -0.71
C VAL B 543 -40.74 15.28 -0.22
N THR B 544 -40.42 14.66 0.92
CA THR B 544 -41.35 13.73 1.55
C THR B 544 -42.51 14.48 2.20
N ASN B 545 -42.20 15.46 3.05
CA ASN B 545 -43.22 16.26 3.71
C ASN B 545 -42.63 17.62 4.06
N ILE B 546 -43.51 18.59 4.28
CA ILE B 546 -43.13 19.95 4.64
C ILE B 546 -43.81 20.31 5.94
N LYS B 547 -43.06 20.87 6.87
CA LYS B 547 -43.54 21.15 8.21
C LYS B 547 -42.98 22.48 8.69
N VAL B 548 -43.67 23.10 9.64
CA VAL B 548 -43.21 24.34 10.25
C VAL B 548 -42.32 23.99 11.43
N THR B 549 -41.33 24.86 11.70
CA THR B 549 -40.42 24.65 12.82
C THR B 549 -40.22 25.97 13.56
N PRO B 550 -40.21 25.94 14.89
CA PRO B 550 -39.99 27.17 15.66
C PRO B 550 -38.54 27.33 16.06
N ARG B 551 -37.62 26.66 15.36
CA ARG B 551 -36.23 26.60 15.75
C ARG B 551 -35.31 27.40 14.83
N LEU B 552 -35.87 28.27 13.99
CA LEU B 552 -35.08 29.10 13.08
C LEU B 552 -35.27 30.57 13.41
N ASP B 553 -34.25 31.36 13.10
CA ASP B 553 -34.28 32.79 13.37
C ASP B 553 -33.84 33.59 12.14
N THR B 554 -32.64 33.32 11.65
CA THR B 554 -32.10 34.04 10.50
C THR B 554 -32.51 33.40 9.18
N HIS B 555 -32.61 32.07 9.14
CA HIS B 555 -32.87 31.36 7.90
C HIS B 555 -34.38 31.12 7.72
N PRO B 556 -34.85 31.14 6.47
CA PRO B 556 -36.29 30.89 6.24
C PRO B 556 -36.65 29.41 6.17
N ALA B 557 -35.70 28.53 5.87
CA ALA B 557 -36.00 27.11 5.75
C ALA B 557 -34.71 26.31 5.91
N MET B 558 -34.88 25.02 6.21
CA MET B 558 -33.76 24.10 6.32
C MET B 558 -34.25 22.70 5.98
N ILE B 559 -33.37 21.91 5.37
CA ILE B 559 -33.65 20.53 5.01
C ILE B 559 -33.02 19.62 6.06
N THR B 560 -33.83 18.74 6.65
CA THR B 560 -33.39 17.85 7.70
C THR B 560 -33.61 16.40 7.28
N VAL B 561 -32.57 15.59 7.39
CA VAL B 561 -32.62 14.16 7.14
C VAL B 561 -32.04 13.46 8.36
N LEU B 562 -32.60 12.30 8.72
CA LEU B 562 -32.14 11.55 9.88
C LEU B 562 -30.66 11.22 9.77
N GLU B 563 -30.31 10.37 8.81
CA GLU B 563 -28.90 10.01 8.58
C GLU B 563 -28.26 11.01 7.60
N MET B 564 -28.21 12.26 8.04
CA MET B 564 -27.65 13.33 7.22
C MET B 564 -26.17 13.08 6.94
N GLY B 565 -25.44 12.53 7.91
CA GLY B 565 -24.03 12.26 7.70
C GLY B 565 -23.77 11.28 6.58
N ALA B 566 -24.58 10.22 6.50
CA ALA B 566 -24.44 9.25 5.42
C ALA B 566 -25.00 9.77 4.11
N ALA B 567 -26.01 10.65 4.18
CA ALA B 567 -26.59 11.19 2.96
C ALA B 567 -25.59 12.08 2.21
N ARG B 568 -24.77 12.82 2.96
CA ARG B 568 -23.73 13.63 2.32
C ARG B 568 -22.61 12.76 1.76
N HIS B 569 -22.32 11.64 2.40
CA HIS B 569 -21.27 10.75 1.91
C HIS B 569 -21.72 10.00 0.67
N PHE B 570 -23.01 9.64 0.59
CA PHE B 570 -23.49 8.88 -0.56
C PHE B 570 -23.51 9.73 -1.83
N LEU B 571 -23.67 11.05 -1.69
CA LEU B 571 -23.72 11.91 -2.86
C LEU B 571 -22.37 12.05 -3.55
N ARG B 572 -21.27 11.75 -2.84
CA ARG B 572 -19.94 11.79 -3.45
C ARG B 572 -19.75 10.51 -4.27
N THR B 573 -20.38 10.52 -5.45
CA THR B 573 -20.32 9.37 -6.35
C THR B 573 -19.29 9.59 -7.45
N ILE B 586 -34.51 10.33 -5.30
CA ILE B 586 -33.37 10.99 -4.67
C ILE B 586 -33.22 10.50 -3.23
N LEU B 587 -33.96 11.12 -2.31
CA LEU B 587 -33.90 10.76 -0.89
C LEU B 587 -35.30 10.99 -0.30
N GLN B 588 -35.35 11.09 1.03
CA GLN B 588 -36.59 11.41 1.75
C GLN B 588 -36.34 12.64 2.61
N PRO B 589 -36.21 13.81 2.00
CA PRO B 589 -35.91 15.03 2.77
C PRO B 589 -37.17 15.57 3.44
N THR B 590 -36.96 16.58 4.28
CA THR B 590 -38.05 17.24 4.99
C THR B 590 -37.76 18.73 5.02
N LEU B 591 -38.64 19.52 4.41
CA LEU B 591 -38.50 20.96 4.40
C LEU B 591 -39.16 21.55 5.64
N GLU B 592 -38.41 22.37 6.38
CA GLU B 592 -38.88 22.97 7.63
C GLU B 592 -38.77 24.48 7.50
N ILE B 593 -39.92 25.15 7.44
CA ILE B 593 -39.96 26.58 7.19
C ILE B 593 -40.06 27.33 8.51
N ASN B 594 -39.70 28.61 8.47
CA ASN B 594 -39.79 29.51 9.61
C ASN B 594 -40.87 30.54 9.30
N THR B 595 -42.04 30.38 9.92
CA THR B 595 -43.18 31.24 9.65
C THR B 595 -43.01 32.66 10.16
N GLY B 596 -41.86 32.99 10.76
CA GLY B 596 -41.61 34.34 11.21
C GLY B 596 -40.65 35.08 10.31
N HIS B 597 -40.05 34.36 9.37
CA HIS B 597 -39.10 34.97 8.44
C HIS B 597 -39.83 35.83 7.42
N ASP B 598 -39.22 36.97 7.07
CA ASP B 598 -39.85 37.88 6.12
C ASP B 598 -39.99 37.27 4.74
N LEU B 599 -39.10 36.35 4.37
CA LEU B 599 -39.18 35.71 3.06
C LEU B 599 -40.34 34.71 3.00
N ILE B 600 -40.62 34.03 4.10
CA ILE B 600 -41.73 33.08 4.11
C ILE B 600 -43.07 33.80 4.16
N LYS B 601 -43.17 34.86 4.96
CA LYS B 601 -44.39 35.65 5.00
C LYS B 601 -44.69 36.30 3.66
N LYS B 602 -43.65 36.68 2.91
CA LYS B 602 -43.87 37.19 1.57
C LYS B 602 -44.25 36.07 0.60
N LEU B 603 -43.72 34.87 0.81
CA LEU B 603 -44.10 33.72 -0.02
C LEU B 603 -45.58 33.38 0.14
N HIS B 604 -46.11 33.52 1.36
CA HIS B 604 -47.52 33.27 1.59
C HIS B 604 -48.39 34.29 0.86
N ALA B 605 -47.91 35.52 0.73
CA ALA B 605 -48.64 36.57 0.00
C ALA B 605 -48.40 36.51 -1.51
N LEU B 606 -47.26 35.97 -1.95
CA LEU B 606 -46.97 35.93 -3.37
C LEU B 606 -47.81 34.89 -4.09
N LYS B 607 -48.26 33.84 -3.38
CA LYS B 607 -49.06 32.80 -4.02
C LYS B 607 -50.45 33.29 -4.42
N ASP B 608 -50.82 34.52 -4.06
CA ASP B 608 -52.10 35.09 -4.43
C ASP B 608 -51.99 36.39 -5.19
N SER B 609 -50.80 37.00 -5.25
CA SER B 609 -50.57 38.22 -6.01
C SER B 609 -49.79 37.97 -7.30
N ASN B 610 -48.79 37.08 -7.25
CA ASN B 610 -48.02 36.67 -8.42
C ASN B 610 -47.71 35.20 -8.26
N PRO B 611 -48.65 34.32 -8.64
CA PRO B 611 -48.48 32.88 -8.35
C PRO B 611 -47.27 32.26 -9.01
N GLU B 612 -46.89 32.71 -10.21
CA GLU B 612 -45.73 32.13 -10.88
C GLU B 612 -44.43 32.60 -10.23
N LEU B 613 -44.39 33.85 -9.75
CA LEU B 613 -43.23 34.32 -9.02
C LEU B 613 -43.08 33.60 -7.69
N ALA B 614 -44.19 33.17 -7.09
CA ALA B 614 -44.11 32.43 -5.83
C ALA B 614 -43.55 31.04 -6.03
N GLN B 615 -43.90 30.39 -7.15
CA GLN B 615 -43.36 29.06 -7.43
C GLN B 615 -41.86 29.13 -7.70
N LEU B 616 -41.41 30.14 -8.43
CA LEU B 616 -39.99 30.32 -8.66
C LEU B 616 -39.25 30.63 -7.36
N LEU B 617 -39.89 31.36 -6.44
CA LEU B 617 -39.28 31.61 -5.14
C LEU B 617 -39.26 30.33 -4.29
N LEU B 618 -40.34 29.55 -4.34
CA LEU B 618 -40.40 28.31 -3.58
C LEU B 618 -39.34 27.32 -4.06
N GLU B 619 -39.15 27.22 -5.39
CA GLU B 619 -38.11 26.36 -5.91
C GLU B 619 -36.73 26.85 -5.50
N GLN B 620 -36.57 28.17 -5.33
CA GLN B 620 -35.27 28.72 -4.94
C GLN B 620 -35.03 28.52 -3.44
N ILE B 621 -36.07 28.65 -2.62
CA ILE B 621 -35.92 28.39 -1.19
C ILE B 621 -35.58 26.92 -0.95
N TYR B 622 -36.16 26.02 -1.75
CA TYR B 622 -35.82 24.61 -1.64
C TYR B 622 -34.36 24.36 -2.05
N ASP B 623 -33.92 24.98 -3.14
CA ASP B 623 -32.54 24.79 -3.57
C ASP B 623 -31.56 25.36 -2.55
N ASN B 624 -31.87 26.54 -1.99
CA ASN B 624 -31.00 27.12 -0.97
C ASN B 624 -30.96 26.26 0.28
N ALA B 625 -32.10 25.68 0.66
CA ALA B 625 -32.12 24.78 1.81
C ALA B 625 -31.37 23.49 1.52
N MET B 626 -31.26 23.10 0.25
CA MET B 626 -30.48 21.93 -0.11
C MET B 626 -28.99 22.25 -0.18
N ILE B 627 -28.64 23.45 -0.64
CA ILE B 627 -27.23 23.84 -0.69
C ILE B 627 -26.65 23.95 0.71
N ALA B 628 -27.33 24.69 1.59
CA ALA B 628 -26.86 24.83 2.97
C ALA B 628 -26.84 23.51 3.72
N ALA B 629 -27.58 22.51 3.24
CA ALA B 629 -27.57 21.18 3.84
C ALA B 629 -26.42 20.32 3.34
N GLY B 630 -25.66 20.79 2.34
CA GLY B 630 -24.64 19.95 1.74
C GLY B 630 -25.17 18.85 0.86
N LEU B 631 -26.47 18.86 0.55
CA LEU B 631 -27.10 17.83 -0.27
C LEU B 631 -27.36 18.28 -1.70
N ASN B 632 -26.88 19.47 -2.08
CA ASN B 632 -27.12 19.97 -3.42
C ASN B 632 -26.29 19.20 -4.45
N GLU B 633 -26.88 18.96 -5.61
CA GLU B 633 -26.20 18.26 -6.68
C GLU B 633 -25.24 19.20 -7.42
N ASP B 634 -25.50 19.43 -8.70
CA ASP B 634 -24.70 20.39 -9.47
C ASP B 634 -25.31 21.78 -9.31
N PRO B 635 -24.59 22.73 -8.70
CA PRO B 635 -25.15 24.07 -8.50
C PRO B 635 -25.11 24.97 -9.73
N ARG B 636 -24.83 24.43 -10.91
CA ARG B 636 -24.75 25.24 -12.12
C ARG B 636 -26.10 25.34 -12.84
N PRO B 637 -26.85 24.25 -13.03
CA PRO B 637 -28.17 24.38 -13.67
C PRO B 637 -29.19 25.20 -12.88
N MET B 638 -28.91 25.53 -11.62
CA MET B 638 -29.81 26.37 -10.85
C MET B 638 -29.55 27.85 -11.02
N ILE B 639 -28.38 28.22 -11.56
CA ILE B 639 -28.07 29.63 -11.79
C ILE B 639 -29.04 30.23 -12.79
N SER B 640 -29.55 29.42 -13.73
CA SER B 640 -30.50 29.92 -14.72
C SER B 640 -31.78 30.39 -14.06
N ARG B 641 -32.37 29.56 -13.20
CA ARG B 641 -33.59 29.97 -12.51
C ARG B 641 -33.33 31.10 -11.53
N LEU B 642 -32.15 31.13 -10.92
CA LEU B 642 -31.81 32.21 -10.00
C LEU B 642 -31.71 33.55 -10.73
N ASN B 643 -31.05 33.55 -11.90
CA ASN B 643 -30.96 34.77 -12.69
C ASN B 643 -32.34 35.21 -13.17
N GLN B 644 -33.19 34.26 -13.56
CA GLN B 644 -34.53 34.60 -13.99
C GLN B 644 -35.41 35.05 -12.83
N LEU B 645 -35.14 34.54 -11.62
CA LEU B 645 -35.91 34.97 -10.46
C LEU B 645 -35.50 36.37 -10.00
N LEU B 646 -34.21 36.68 -10.09
CA LEU B 646 -33.75 38.01 -9.69
C LEU B 646 -34.25 39.09 -10.63
N THR B 647 -34.54 38.74 -11.88
CA THR B 647 -35.04 39.73 -12.84
C THR B 647 -36.48 40.11 -12.52
N ARG B 648 -37.36 39.11 -12.34
CA ARG B 648 -38.76 39.41 -12.08
C ARG B 648 -38.95 40.04 -10.70
N ALA B 649 -38.03 39.79 -9.77
CA ALA B 649 -38.10 40.44 -8.47
C ALA B 649 -37.67 41.90 -8.56
N LEU B 650 -36.64 42.19 -9.35
CA LEU B 650 -36.15 43.55 -9.50
C LEU B 650 -36.97 44.33 -10.53
N GLU B 651 -38.27 44.04 -10.59
CA GLU B 651 -39.20 44.76 -11.46
C GLU B 651 -38.78 44.73 -12.92
PG ATP C . 11.54 -29.65 -0.73
O1G ATP C . 11.64 -28.53 -1.72
O2G ATP C . 12.73 -29.79 0.18
O3G ATP C . 10.21 -29.75 -0.01
PB ATP C . 11.26 -32.42 -1.04
O1B ATP C . 11.70 -33.46 -2.04
O2B ATP C . 9.83 -32.43 -0.55
O3B ATP C . 11.60 -30.98 -1.65
PA ATP C . 11.90 -33.40 1.51
O1A ATP C . 10.59 -32.92 2.08
O2A ATP C . 13.13 -33.46 2.38
O3A ATP C . 12.25 -32.50 0.22
O5' ATP C . 11.68 -34.84 0.82
C5' ATP C . 12.49 -35.94 1.20
C4' ATP C . 12.09 -37.14 0.36
O4' ATP C . 11.26 -38.01 1.13
C3' ATP C . 11.32 -36.76 -0.89
O3' ATP C . 12.15 -36.85 -2.04
C2' ATP C . 10.19 -37.77 -0.98
O2' ATP C . 10.42 -38.67 -2.07
C1' ATP C . 10.20 -38.55 0.33
N9 ATP C . 8.91 -38.33 1.02
C8 ATP C . 8.64 -37.33 1.89
N7 ATP C . 7.38 -37.41 2.36
C5 ATP C . 6.81 -38.49 1.79
C6 ATP C . 5.49 -39.14 1.85
N6 ATP C . 4.49 -38.65 2.63
N1 ATP C . 5.30 -40.25 1.10
C2 ATP C . 6.28 -40.75 0.32
N3 ATP C . 7.51 -40.20 0.22
C4 ATP C . 7.82 -39.09 0.92
PG ATP D . 26.32 -16.25 8.96
O1G ATP D . 26.97 -15.61 7.75
O2G ATP D . 26.08 -15.31 10.12
O3G ATP D . 25.16 -17.12 8.62
PB ATP D . 29.01 -17.07 9.39
O1B ATP D . 29.65 -17.68 10.61
O2B ATP D . 29.32 -15.65 9.02
O3B ATP D . 27.41 -17.30 9.50
PA ATP D . 30.77 -18.11 7.45
O1A ATP D . 31.09 -16.75 6.89
O2A ATP D . 30.79 -19.32 6.54
O3A ATP D . 29.31 -18.04 8.13
O5' ATP D . 31.71 -18.39 8.71
C5' ATP D . 33.00 -18.96 8.52
C4' ATP D . 33.84 -18.73 9.77
O4' ATP D . 35.16 -18.38 9.38
C3' ATP D . 33.29 -17.60 10.62
O3' ATP D . 32.67 -18.12 11.80
C2' ATP D . 34.50 -16.75 10.99
O2' ATP D . 34.85 -16.97 12.36
C1' ATP D . 35.62 -17.23 10.09
N9 ATP D . 35.92 -16.15 9.10
C8 ATP D . 35.16 -15.84 8.04
N7 ATP D . 35.69 -14.81 7.34
C5 ATP D . 36.83 -14.45 7.96
C6 ATP D . 37.89 -13.44 7.75
N6 ATP D . 37.83 -12.58 6.70
N1 ATP D . 38.92 -13.41 8.64
C2 ATP D . 38.98 -14.25 9.69
N3 ATP D . 38.05 -15.19 9.94
C4 ATP D . 36.97 -15.34 9.13
#